data_8DKP
#
_entry.id   8DKP
#
_cell.length_a   48.839
_cell.length_b   55.130
_cell.length_c   75.947
_cell.angle_alpha   103.990
_cell.angle_beta   100.390
_cell.angle_gamma   108.460
#
_symmetry.space_group_name_H-M   'P 1'
#
loop_
_entity.id
_entity.type
_entity.pdbx_description
1 polymer 'Bifunctional protein PutA'
2 non-polymer 'FLAVIN-ADENINE DINUCLEOTIDE'
3 non-polymer 'TETRAHYDROFURAN-2-CARBOXYLIC ACID'
4 water water
#
_entity_poly.entity_id   1
_entity_poly.type   'polypeptide(L)'
_entity_poly.pdbx_seq_one_letter_code
;SRPQSTLRRAITAAYRRPETECLPPLVEAATQSKEIRDAAASTARKLIEALRGKHSGSGSSGSMMGEQFVTGETIREALK
RSKELEEKGFSYSYDMLGEAATTAADAERYYRDYESAIHAIGKASAGRGIYEGPGISIKLSALHPRYSRAQAARVMGELL
PRVKALALLAKNYDIGLNIDAEEADRLELSLDLLEVLCLDGDLSGWNGMGFVVQAYGKRCPFVLDFIIDLARRSGRRIMV
RLVKGAYWDAEIKRAQLDGLADFPVFTRKIHTDVSYIACAAKLLAATDVVFPQFATHNAQTLAAIYHMAGKDFHVGKYEF
QCLHGMGEPLYEEVVGRGKLDRPCRIYAPVGTHETLLAYLVRRLLENGANSSFVHRINDPKVSIDELIADPVEVVR
;
_entity_poly.pdbx_strand_id   A,B
#
# COMPACT_ATOMS: atom_id res chain seq x y z
N GLN A 4 32.03 7.16 18.33
CA GLN A 4 31.16 7.51 19.45
C GLN A 4 31.46 8.91 19.96
N SER A 5 30.41 9.63 20.36
CA SER A 5 30.56 11.00 20.83
C SER A 5 29.33 11.37 21.64
N THR A 6 29.45 12.46 22.40
CA THR A 6 28.30 13.00 23.12
C THR A 6 27.13 13.26 22.16
N LEU A 7 27.42 13.75 20.96
CA LEU A 7 26.36 13.98 19.99
C LEU A 7 25.74 12.66 19.52
N ARG A 8 26.57 11.64 19.29
CA ARG A 8 26.01 10.34 18.89
C ARG A 8 25.25 9.69 20.04
N ARG A 9 25.73 9.85 21.27
CA ARG A 9 25.05 9.26 22.42
C ARG A 9 23.65 9.85 22.59
N ALA A 10 23.50 11.15 22.29
CA ALA A 10 22.18 11.76 22.42
C ALA A 10 21.21 11.17 21.41
N ILE A 11 21.70 10.79 20.24
CA ILE A 11 20.85 10.15 19.24
C ILE A 11 20.37 8.79 19.73
N THR A 12 21.32 7.94 20.17
CA THR A 12 20.95 6.60 20.60
C THR A 12 20.01 6.65 21.80
N ALA A 13 20.26 7.57 22.74
CA ALA A 13 19.44 7.62 23.95
C ALA A 13 18.01 8.04 23.64
N ALA A 14 17.79 8.76 22.54
CA ALA A 14 16.47 9.25 22.18
C ALA A 14 15.64 8.25 21.40
N TYR A 15 16.23 7.13 20.98
CA TYR A 15 15.62 6.16 20.06
C TYR A 15 14.16 5.86 20.42
N ARG A 16 13.93 5.44 21.65
CA ARG A 16 12.59 5.11 22.13
C ARG A 16 12.26 5.88 23.41
N ARG A 17 12.75 7.11 23.51
CA ARG A 17 12.42 7.95 24.66
C ARG A 17 10.91 8.12 24.74
N PRO A 18 10.31 8.04 25.93
CA PRO A 18 8.86 8.23 26.04
C PRO A 18 8.40 9.50 25.36
N GLU A 19 7.32 9.37 24.59
CA GLU A 19 6.77 10.49 23.83
C GLU A 19 6.55 11.72 24.70
N THR A 20 6.06 11.52 25.93
CA THR A 20 5.80 12.67 26.80
C THR A 20 7.09 13.39 27.21
N GLU A 21 8.20 12.66 27.30
CA GLU A 21 9.48 13.30 27.61
C GLU A 21 10.10 14.00 26.40
N CYS A 22 9.74 13.59 25.19
CA CYS A 22 10.29 14.22 24.00
C CYS A 22 9.71 15.60 23.77
N LEU A 23 8.47 15.83 24.18
CA LEU A 23 7.71 16.99 23.71
C LEU A 23 8.10 18.35 24.31
N PRO A 24 8.38 18.46 25.61
CA PRO A 24 8.64 19.80 26.19
C PRO A 24 9.72 20.57 25.47
N PRO A 25 10.90 19.98 25.18
CA PRO A 25 11.92 20.76 24.48
C PRO A 25 11.52 21.13 23.05
N LEU A 26 10.73 20.29 22.39
CA LEU A 26 10.26 20.63 21.06
C LEU A 26 9.23 21.75 21.12
N VAL A 27 8.33 21.69 22.09
CA VAL A 27 7.32 22.73 22.26
C VAL A 27 7.98 24.08 22.48
N GLU A 28 8.99 24.13 23.34
CA GLU A 28 9.70 25.39 23.58
C GLU A 28 10.35 25.91 22.32
N ALA A 29 11.03 25.02 21.57
CA ALA A 29 11.75 25.47 20.39
C ALA A 29 10.80 25.86 19.27
N ALA A 30 9.61 25.26 19.21
CA ALA A 30 8.63 25.58 18.18
C ALA A 30 7.75 26.77 18.54
N THR A 31 7.90 27.34 19.73
CA THR A 31 7.11 28.49 20.14
C THR A 31 7.62 29.73 19.41
N GLN A 32 6.73 30.42 18.70
CA GLN A 32 7.08 31.62 17.96
C GLN A 32 6.54 32.85 18.68
N SER A 33 7.18 33.98 18.40
CA SER A 33 6.68 35.25 18.92
C SER A 33 5.31 35.55 18.32
N LYS A 34 4.56 36.41 19.01
CA LYS A 34 3.25 36.81 18.52
C LYS A 34 3.33 37.45 17.14
N GLU A 35 4.34 38.30 16.92
CA GLU A 35 4.49 38.92 15.61
C GLU A 35 4.69 37.89 14.51
N ILE A 36 5.52 36.87 14.78
CA ILE A 36 5.75 35.83 13.78
C ILE A 36 4.51 34.96 13.62
N ARG A 37 3.83 34.64 14.71
CA ARG A 37 2.62 33.83 14.62
C ARG A 37 1.54 34.56 13.83
N ASP A 38 1.38 35.86 14.06
CA ASP A 38 0.34 36.60 13.35
C ASP A 38 0.69 36.73 11.87
N ALA A 39 1.95 36.99 11.55
CA ALA A 39 2.35 37.05 10.15
C ALA A 39 2.18 35.71 9.46
N ALA A 40 2.57 34.63 10.14
CA ALA A 40 2.42 33.30 9.55
C ALA A 40 0.96 32.95 9.33
N ALA A 41 0.07 33.31 10.27
CA ALA A 41 -1.35 33.03 10.08
C ALA A 41 -1.90 33.78 8.87
N SER A 42 -1.43 35.02 8.65
CA SER A 42 -1.88 35.79 7.50
C SER A 42 -1.41 35.15 6.20
N THR A 43 -0.14 34.76 6.15
CA THR A 43 0.39 34.12 4.94
C THR A 43 -0.29 32.79 4.69
N ALA A 44 -0.50 32.00 5.74
CA ALA A 44 -1.12 30.70 5.57
C ALA A 44 -2.56 30.85 5.09
N ARG A 45 -3.30 31.81 5.64
CA ARG A 45 -4.66 32.03 5.15
C ARG A 45 -4.67 32.38 3.68
N LYS A 46 -3.76 33.26 3.25
CA LYS A 46 -3.69 33.63 1.84
C LYS A 46 -3.38 32.43 0.95
N LEU A 47 -2.43 31.60 1.38
CA LEU A 47 -2.10 30.41 0.61
C LEU A 47 -3.29 29.46 0.54
N ILE A 48 -4.00 29.28 1.65
CA ILE A 48 -5.08 28.30 1.69
C ILE A 48 -6.29 28.79 0.92
N GLU A 49 -6.57 30.09 0.98
CA GLU A 49 -7.65 30.63 0.15
C GLU A 49 -7.34 30.44 -1.33
N ALA A 50 -6.07 30.59 -1.72
CA ALA A 50 -5.69 30.32 -3.10
C ALA A 50 -5.82 28.84 -3.43
N LEU A 51 -5.37 27.96 -2.52
CA LEU A 51 -5.50 26.53 -2.74
C LEU A 51 -6.96 26.11 -2.91
N ARG A 52 -7.84 26.62 -2.06
CA ARG A 52 -9.25 26.26 -2.16
C ARG A 52 -9.97 26.92 -3.33
N GLY A 53 -9.29 27.79 -4.07
CA GLY A 53 -9.75 28.14 -5.41
C GLY A 53 -9.30 27.16 -6.47
N LYS A 54 -8.21 26.43 -6.20
CA LYS A 54 -7.74 25.38 -7.09
C LYS A 54 -8.45 24.08 -6.70
N HIS A 55 -7.86 22.94 -7.05
CA HIS A 55 -8.44 21.66 -6.69
C HIS A 55 -7.35 20.63 -6.38
N GLY A 62 -5.29 11.46 -8.75
CA GLY A 62 -5.20 10.70 -9.98
C GLY A 62 -5.63 9.26 -9.81
N SER A 63 -5.46 8.47 -10.87
CA SER A 63 -5.88 7.08 -10.88
C SER A 63 -4.80 6.18 -10.28
N MET A 64 -5.16 4.91 -10.08
CA MET A 64 -4.20 3.96 -9.54
C MET A 64 -3.13 3.55 -10.54
N MET A 65 -3.15 4.09 -11.76
CA MET A 65 -1.98 3.97 -12.63
C MET A 65 -0.81 4.79 -12.10
N GLY A 66 -1.06 5.76 -11.21
CA GLY A 66 -0.01 6.56 -10.64
C GLY A 66 0.58 7.61 -11.54
N GLU A 67 -0.07 7.91 -12.67
CA GLU A 67 0.47 8.83 -13.66
C GLU A 67 0.82 10.20 -13.06
N GLN A 68 0.03 10.65 -12.08
CA GLN A 68 0.23 11.95 -11.46
C GLN A 68 1.60 12.09 -10.82
N PHE A 69 2.22 10.99 -10.43
CA PHE A 69 3.36 11.03 -9.54
C PHE A 69 4.70 10.77 -10.20
N VAL A 70 4.73 10.41 -11.49
CA VAL A 70 5.97 10.10 -12.19
C VAL A 70 6.28 11.20 -13.19
N THR A 71 7.50 11.71 -13.15
CA THR A 71 7.92 12.79 -14.03
C THR A 71 8.22 12.30 -15.44
N GLY A 72 8.72 11.07 -15.57
CA GLY A 72 9.00 10.50 -16.88
C GLY A 72 9.45 9.06 -16.71
N GLU A 73 9.43 8.32 -17.83
CA GLU A 73 9.88 6.94 -17.76
C GLU A 73 11.39 6.82 -17.75
N THR A 74 12.10 7.76 -18.39
CA THR A 74 13.55 7.76 -18.45
C THR A 74 14.04 9.13 -18.02
N ILE A 75 15.33 9.18 -17.67
CA ILE A 75 15.91 10.45 -17.25
C ILE A 75 15.92 11.45 -18.39
N ARG A 76 16.11 10.97 -19.63
CA ARG A 76 16.04 11.86 -20.79
C ARG A 76 14.66 12.50 -20.89
N GLU A 77 13.61 11.70 -20.73
CA GLU A 77 12.24 12.22 -20.80
C GLU A 77 11.98 13.21 -19.67
N ALA A 78 12.42 12.88 -18.45
CA ALA A 78 12.17 13.75 -17.31
C ALA A 78 12.91 15.07 -17.45
N LEU A 79 14.17 15.03 -17.93
CA LEU A 79 14.94 16.26 -18.10
C LEU A 79 14.28 17.19 -19.10
N LYS A 80 13.77 16.64 -20.22
CA LYS A 80 13.11 17.49 -21.21
C LYS A 80 11.87 18.17 -20.63
N ARG A 81 11.11 17.46 -19.79
CA ARG A 81 9.88 18.00 -19.22
C ARG A 81 10.11 18.99 -18.09
N SER A 82 11.36 19.28 -17.75
CA SER A 82 11.67 20.12 -16.60
C SER A 82 11.91 21.58 -16.95
N LYS A 83 12.03 21.92 -18.23
CA LYS A 83 12.41 23.29 -18.59
C LYS A 83 11.33 24.29 -18.21
N GLU A 84 10.05 23.92 -18.35
CA GLU A 84 8.97 24.87 -18.12
C GLU A 84 8.92 25.35 -16.68
N LEU A 85 9.04 24.41 -15.73
CA LEU A 85 9.01 24.81 -14.33
C LEU A 85 10.33 25.40 -13.87
N GLU A 86 11.45 25.01 -14.48
CA GLU A 86 12.74 25.58 -14.09
C GLU A 86 12.78 27.09 -14.33
N GLU A 87 12.21 27.55 -15.45
CA GLU A 87 12.23 29.00 -15.67
C GLU A 87 11.21 29.72 -14.81
N LYS A 88 10.24 29.01 -14.22
CA LYS A 88 9.33 29.62 -13.26
C LYS A 88 9.96 29.80 -11.89
N GLY A 89 11.09 29.15 -11.62
CA GLY A 89 11.73 29.25 -10.32
C GLY A 89 11.86 27.94 -9.57
N PHE A 90 11.41 26.82 -10.13
CA PHE A 90 11.58 25.51 -9.52
C PHE A 90 12.92 24.91 -9.91
N SER A 91 13.42 24.03 -9.06
CA SER A 91 14.51 23.12 -9.41
C SER A 91 14.02 21.69 -9.23
N TYR A 92 14.92 20.72 -9.48
CA TYR A 92 14.56 19.31 -9.46
C TYR A 92 15.56 18.47 -8.68
N SER A 93 15.06 17.40 -8.06
CA SER A 93 15.87 16.31 -7.56
C SER A 93 15.28 15.04 -8.17
N TYR A 94 15.99 14.40 -9.06
CA TYR A 94 15.47 13.23 -9.76
C TYR A 94 15.72 11.96 -8.97
N ASP A 95 14.71 11.10 -8.89
CA ASP A 95 14.85 9.80 -8.25
C ASP A 95 14.55 8.71 -9.27
N MET A 96 15.57 7.91 -9.61
CA MET A 96 15.35 6.69 -10.38
C MET A 96 14.67 5.69 -9.45
N LEU A 97 13.40 5.40 -9.70
CA LEU A 97 12.59 4.60 -8.80
C LEU A 97 13.23 3.24 -8.54
N GLY A 98 13.10 2.76 -7.31
CA GLY A 98 13.73 1.51 -6.92
C GLY A 98 14.12 1.53 -5.46
N GLU A 99 13.91 0.40 -4.78
CA GLU A 99 14.20 0.33 -3.35
C GLU A 99 14.18 -1.13 -2.95
N ALA A 100 14.71 -1.40 -1.75
CA ALA A 100 14.63 -2.70 -1.11
C ALA A 100 15.06 -3.82 -2.06
N ALA A 101 16.26 -3.68 -2.62
CA ALA A 101 16.77 -4.71 -3.50
C ALA A 101 16.83 -6.04 -2.75
N THR A 102 16.41 -7.10 -3.42
CA THR A 102 16.39 -8.43 -2.83
C THR A 102 17.46 -9.36 -3.38
N THR A 103 18.12 -9.00 -4.48
CA THR A 103 19.18 -9.79 -5.07
C THR A 103 20.35 -8.90 -5.44
N ALA A 104 21.49 -9.53 -5.70
CA ALA A 104 22.66 -8.81 -6.17
C ALA A 104 22.41 -8.18 -7.54
N ALA A 105 21.72 -8.91 -8.42
CA ALA A 105 21.41 -8.38 -9.75
C ALA A 105 20.56 -7.13 -9.66
N ASP A 106 19.56 -7.13 -8.77
CA ASP A 106 18.71 -5.96 -8.62
C ASP A 106 19.49 -4.76 -8.10
N ALA A 107 20.35 -4.99 -7.10
CA ALA A 107 21.15 -3.89 -6.55
C ALA A 107 22.13 -3.36 -7.58
N GLU A 108 22.68 -4.25 -8.43
CA GLU A 108 23.57 -3.80 -9.49
C GLU A 108 22.82 -2.98 -10.53
N ARG A 109 21.60 -3.40 -10.88
CA ARG A 109 20.80 -2.64 -11.85
C ARG A 109 20.46 -1.26 -11.33
N TYR A 110 20.04 -1.17 -10.06
CA TYR A 110 19.75 0.14 -9.48
C TYR A 110 21.00 1.02 -9.45
N TYR A 111 22.16 0.44 -9.13
CA TYR A 111 23.40 1.21 -9.18
C TYR A 111 23.61 1.79 -10.58
N ARG A 112 23.44 0.96 -11.61
CA ARG A 112 23.63 1.43 -12.98
CA ARG A 112 23.66 1.46 -12.97
C ARG A 112 22.64 2.53 -13.34
N ASP A 113 21.40 2.41 -12.85
CA ASP A 113 20.40 3.45 -13.09
C ASP A 113 20.82 4.77 -12.47
N TYR A 114 21.27 4.72 -11.21
CA TYR A 114 21.72 5.94 -10.54
C TYR A 114 22.92 6.54 -11.24
N GLU A 115 23.88 5.70 -11.62
CA GLU A 115 25.08 6.17 -12.30
C GLU A 115 24.73 6.85 -13.62
N SER A 116 23.88 6.21 -14.43
CA SER A 116 23.51 6.82 -15.69
CA SER A 116 23.47 6.81 -15.70
C SER A 116 22.73 8.11 -15.47
N ALA A 117 21.90 8.17 -14.44
CA ALA A 117 21.16 9.39 -14.17
C ALA A 117 22.10 10.53 -13.79
N ILE A 118 23.13 10.25 -12.96
CA ILE A 118 24.07 11.30 -12.58
C ILE A 118 24.76 11.89 -13.81
N HIS A 119 25.16 11.04 -14.74
CA HIS A 119 25.78 11.55 -15.95
C HIS A 119 24.81 12.45 -16.73
N ALA A 120 23.57 12.01 -16.89
CA ALA A 120 22.61 12.81 -17.65
C ALA A 120 22.28 14.10 -16.93
N ILE A 121 22.04 14.03 -15.62
CA ILE A 121 21.69 15.22 -14.84
C ILE A 121 22.88 16.17 -14.77
N GLY A 122 24.08 15.62 -14.54
CA GLY A 122 25.26 16.45 -14.46
C GLY A 122 25.56 17.18 -15.76
N LYS A 123 25.39 16.50 -16.89
CA LYS A 123 25.54 17.16 -18.17
C LYS A 123 24.47 18.23 -18.38
N ALA A 124 23.23 17.91 -18.03
CA ALA A 124 22.14 18.88 -18.17
C ALA A 124 22.34 20.07 -17.25
N SER A 125 22.93 19.86 -16.08
CA SER A 125 23.14 20.96 -15.14
C SER A 125 24.02 22.02 -15.75
N ALA A 126 25.05 21.60 -16.49
CA ALA A 126 25.87 22.52 -17.28
C ALA A 126 26.44 23.64 -16.42
N GLY A 127 26.96 23.25 -15.26
CA GLY A 127 27.65 24.20 -14.40
C GLY A 127 26.75 25.12 -13.60
N ARG A 128 25.44 24.85 -13.53
CA ARG A 128 24.57 25.70 -12.72
C ARG A 128 24.83 25.53 -11.24
N GLY A 129 25.46 24.44 -10.82
CA GLY A 129 25.79 24.23 -9.43
C GLY A 129 24.66 23.60 -8.64
N ILE A 130 24.92 23.47 -7.34
CA ILE A 130 24.06 22.60 -6.54
C ILE A 130 22.74 23.24 -6.12
N TYR A 131 22.63 24.56 -6.14
CA TYR A 131 21.39 25.24 -5.74
C TYR A 131 20.52 25.59 -6.93
N GLU A 132 21.11 26.18 -7.96
CA GLU A 132 20.38 26.59 -9.14
C GLU A 132 20.11 25.44 -10.11
N GLY A 133 20.85 24.34 -10.01
CA GLY A 133 20.74 23.27 -10.95
C GLY A 133 20.15 22.03 -10.32
N PRO A 134 19.87 21.03 -11.17
CA PRO A 134 19.22 19.80 -10.71
C PRO A 134 20.17 18.92 -9.89
N GLY A 135 19.57 18.05 -9.09
CA GLY A 135 20.32 17.04 -8.39
C GLY A 135 19.64 15.69 -8.47
N ILE A 136 20.14 14.75 -7.68
CA ILE A 136 19.64 13.38 -7.64
C ILE A 136 19.38 12.98 -6.20
N SER A 137 18.43 12.07 -6.02
CA SER A 137 18.15 11.41 -4.73
C SER A 137 18.32 9.92 -4.91
N ILE A 138 18.89 9.26 -3.90
CA ILE A 138 19.09 7.81 -3.91
C ILE A 138 18.54 7.20 -2.63
N LYS A 139 18.22 5.91 -2.71
CA LYS A 139 17.83 5.11 -1.55
C LYS A 139 18.90 4.06 -1.32
N LEU A 140 19.45 4.02 -0.10
CA LEU A 140 20.48 3.05 0.21
C LEU A 140 19.97 1.62 0.10
N SER A 141 18.67 1.40 0.36
CA SER A 141 18.14 0.04 0.27
C SER A 141 18.14 -0.48 -1.16
N ALA A 142 18.23 0.41 -2.15
CA ALA A 142 18.33 -0.02 -3.54
C ALA A 142 19.71 -0.57 -3.87
N LEU A 143 20.72 -0.23 -3.08
CA LEU A 143 22.11 -0.46 -3.45
C LEU A 143 22.74 -1.63 -2.71
N HIS A 144 22.00 -2.32 -1.85
CA HIS A 144 22.55 -3.44 -1.13
C HIS A 144 21.45 -4.50 -1.06
N PRO A 145 21.75 -5.75 -1.42
CA PRO A 145 20.69 -6.76 -1.55
C PRO A 145 20.10 -7.23 -0.25
N ARG A 146 20.71 -6.93 0.89
CA ARG A 146 20.16 -7.31 2.18
C ARG A 146 20.22 -6.14 3.15
N TYR A 147 19.78 -4.98 2.67
CA TYR A 147 19.99 -3.73 3.41
C TYR A 147 19.45 -3.81 4.83
N SER A 148 18.21 -4.27 4.97
CA SER A 148 17.57 -4.33 6.28
C SER A 148 17.76 -5.65 7.00
N ARG A 149 18.28 -6.68 6.34
CA ARG A 149 18.34 -8.02 6.90
C ARG A 149 19.75 -8.50 7.22
N ALA A 150 20.77 -7.71 6.91
CA ALA A 150 22.15 -8.06 7.20
C ALA A 150 22.72 -7.13 8.26
N GLN A 151 23.85 -7.54 8.83
CA GLN A 151 24.48 -6.77 9.91
C GLN A 151 24.88 -5.39 9.40
N ALA A 152 24.60 -4.38 10.23
CA ALA A 152 24.77 -2.99 9.81
C ALA A 152 26.22 -2.68 9.43
N ALA A 153 27.18 -3.21 10.19
CA ALA A 153 28.58 -2.94 9.89
C ALA A 153 28.96 -3.49 8.52
N ARG A 154 28.56 -4.74 8.23
CA ARG A 154 28.86 -5.33 6.93
C ARG A 154 28.13 -4.61 5.80
N VAL A 155 26.85 -4.26 6.03
CA VAL A 155 26.09 -3.54 5.00
C VAL A 155 26.78 -2.24 4.64
N MET A 156 27.15 -1.43 5.64
CA MET A 156 27.79 -0.16 5.36
C MET A 156 29.13 -0.36 4.66
N GLY A 157 29.85 -1.42 4.99
CA GLY A 157 31.16 -1.64 4.43
C GLY A 157 31.14 -1.91 2.93
N GLU A 158 30.17 -2.71 2.47
CA GLU A 158 30.03 -2.95 1.04
C GLU A 158 29.29 -1.82 0.34
N LEU A 159 28.44 -1.10 1.08
CA LEU A 159 27.69 -0.01 0.49
C LEU A 159 28.58 1.20 0.26
N LEU A 160 29.53 1.45 1.16
CA LEU A 160 30.37 2.65 1.10
C LEU A 160 31.04 2.86 -0.25
N PRO A 161 31.76 1.89 -0.84
CA PRO A 161 32.40 2.17 -2.13
C PRO A 161 31.40 2.50 -3.24
N ARG A 162 30.20 1.93 -3.21
CA ARG A 162 29.20 2.29 -4.22
C ARG A 162 28.72 3.72 -4.06
N VAL A 163 28.40 4.11 -2.83
CA VAL A 163 27.92 5.47 -2.60
C VAL A 163 29.03 6.47 -2.85
N LYS A 164 30.26 6.16 -2.43
CA LYS A 164 31.38 7.06 -2.70
C LYS A 164 31.57 7.25 -4.19
N ALA A 165 31.44 6.18 -4.98
CA ALA A 165 31.63 6.32 -6.43
C ALA A 165 30.57 7.24 -7.03
N LEU A 166 29.32 7.10 -6.57
CA LEU A 166 28.27 8.00 -7.05
C LEU A 166 28.52 9.42 -6.59
N ALA A 167 28.94 9.61 -5.34
CA ALA A 167 29.22 10.96 -4.86
C ALA A 167 30.36 11.60 -5.63
N LEU A 168 31.35 10.80 -6.04
CA LEU A 168 32.44 11.36 -6.82
C LEU A 168 31.96 11.84 -8.19
N LEU A 169 31.05 11.09 -8.83
CA LEU A 169 30.47 11.57 -10.07
C LEU A 169 29.70 12.87 -9.85
N ALA A 170 28.91 12.92 -8.77
CA ALA A 170 28.16 14.14 -8.47
C ALA A 170 29.10 15.32 -8.24
N LYS A 171 30.23 15.07 -7.55
CA LYS A 171 31.23 16.12 -7.41
C LYS A 171 31.79 16.57 -8.76
N ASN A 172 32.09 15.60 -9.65
CA ASN A 172 32.63 15.93 -10.98
C ASN A 172 31.75 16.92 -11.72
N TYR A 173 30.44 16.77 -11.61
CA TYR A 173 29.49 17.65 -12.30
C TYR A 173 29.00 18.80 -11.43
N ASP A 174 29.35 18.80 -10.15
CA ASP A 174 28.86 19.76 -9.16
C ASP A 174 27.34 19.79 -9.09
N ILE A 175 26.76 18.62 -8.79
CA ILE A 175 25.32 18.51 -8.56
C ILE A 175 25.08 17.96 -7.16
N GLY A 176 23.85 18.15 -6.69
CA GLY A 176 23.46 17.58 -5.40
C GLY A 176 23.17 16.07 -5.49
N LEU A 177 23.54 15.37 -4.41
CA LEU A 177 23.27 13.94 -4.27
C LEU A 177 22.70 13.74 -2.87
N ASN A 178 21.42 13.40 -2.79
CA ASN A 178 20.71 13.28 -1.53
C ASN A 178 20.46 11.82 -1.18
N ILE A 179 20.71 11.46 0.08
CA ILE A 179 20.35 10.14 0.61
C ILE A 179 18.96 10.22 1.26
N ASP A 180 17.97 9.59 0.62
CA ASP A 180 16.63 9.55 1.19
C ASP A 180 16.64 8.79 2.52
N ALA A 181 15.71 9.16 3.41
CA ALA A 181 15.56 8.47 4.69
C ALA A 181 14.50 7.38 4.56
N GLU A 182 14.79 6.20 5.09
CA GLU A 182 13.85 5.08 4.97
C GLU A 182 13.38 4.64 6.36
N GLU A 183 13.50 3.36 6.71
CA GLU A 183 12.97 2.87 7.98
CA GLU A 183 12.95 2.90 7.97
C GLU A 183 13.83 3.32 9.16
N ALA A 184 13.21 3.42 10.33
CA ALA A 184 13.86 3.94 11.51
C ALA A 184 15.10 3.12 11.90
N ASP A 185 15.04 1.81 11.70
CA ASP A 185 16.17 0.97 12.12
C ASP A 185 17.41 1.14 11.24
N ARG A 186 17.34 1.93 10.18
CA ARG A 186 18.48 2.16 9.31
C ARG A 186 19.00 3.59 9.38
N LEU A 187 18.45 4.41 10.27
CA LEU A 187 18.97 5.76 10.47
C LEU A 187 20.44 5.73 10.85
N GLU A 188 20.80 4.91 11.83
CA GLU A 188 22.17 4.91 12.35
C GLU A 188 23.18 4.55 11.27
N LEU A 189 22.89 3.51 10.48
CA LEU A 189 23.80 3.10 9.41
C LEU A 189 23.99 4.23 8.42
N SER A 190 22.88 4.82 7.96
CA SER A 190 22.98 5.87 6.95
C SER A 190 23.74 7.09 7.47
N LEU A 191 23.59 7.38 8.76
CA LEU A 191 24.31 8.50 9.35
C LEU A 191 25.80 8.23 9.42
N ASP A 192 26.19 6.99 9.74
CA ASP A 192 27.60 6.62 9.73
C ASP A 192 28.19 6.78 8.33
N LEU A 193 27.41 6.47 7.30
CA LEU A 193 27.88 6.64 5.93
C LEU A 193 28.07 8.11 5.59
N LEU A 194 27.10 8.94 5.95
CA LEU A 194 27.23 10.38 5.75
C LEU A 194 28.51 10.91 6.39
N GLU A 195 28.82 10.48 7.60
CA GLU A 195 30.01 10.97 8.28
C GLU A 195 31.28 10.58 7.55
N VAL A 196 31.38 9.32 7.10
CA VAL A 196 32.55 8.89 6.35
C VAL A 196 32.72 9.73 5.09
N LEU A 197 31.63 9.97 4.36
CA LEU A 197 31.73 10.71 3.11
C LEU A 197 32.15 12.15 3.35
N CYS A 198 31.64 12.79 4.41
CA CYS A 198 31.96 14.18 4.68
C CYS A 198 33.39 14.35 5.15
N LEU A 199 34.02 13.30 5.66
CA LEU A 199 35.41 13.33 6.07
C LEU A 199 36.35 12.80 4.99
N ASP A 200 35.83 12.38 3.84
CA ASP A 200 36.65 11.79 2.79
C ASP A 200 37.22 12.91 1.92
N GLY A 201 38.54 13.07 1.97
CA GLY A 201 39.21 14.15 1.25
C GLY A 201 39.00 14.12 -0.25
N ASP A 202 38.67 12.96 -0.82
CA ASP A 202 38.40 12.88 -2.25
C ASP A 202 37.18 13.69 -2.66
N LEU A 203 36.29 14.02 -1.72
CA LEU A 203 35.10 14.79 -2.01
C LEU A 203 35.21 16.25 -1.60
N SER A 204 36.42 16.72 -1.29
CA SER A 204 36.59 18.08 -0.78
C SER A 204 36.18 19.10 -1.82
N GLY A 205 35.64 20.23 -1.34
CA GLY A 205 35.24 21.33 -2.20
C GLY A 205 33.87 21.18 -2.82
N TRP A 206 33.19 20.07 -2.57
CA TRP A 206 31.86 19.82 -3.11
C TRP A 206 30.88 19.89 -1.95
N ASN A 207 29.83 20.70 -2.11
CA ASN A 207 28.79 20.88 -1.09
C ASN A 207 27.48 20.21 -1.46
N GLY A 208 27.53 19.20 -2.32
CA GLY A 208 26.32 18.59 -2.84
C GLY A 208 25.80 17.40 -2.05
N MET A 209 26.53 16.92 -1.06
CA MET A 209 26.03 15.79 -0.27
C MET A 209 24.82 16.22 0.53
N GLY A 210 23.74 15.44 0.42
CA GLY A 210 22.51 15.76 1.12
C GLY A 210 21.98 14.57 1.90
N PHE A 211 21.17 14.88 2.90
CA PHE A 211 20.70 13.87 3.84
C PHE A 211 19.33 14.27 4.39
N VAL A 212 18.40 13.32 4.44
CA VAL A 212 17.04 13.57 4.93
C VAL A 212 16.97 13.23 6.41
N VAL A 213 16.24 14.04 7.20
CA VAL A 213 15.93 13.71 8.58
C VAL A 213 14.42 13.80 8.78
N GLN A 214 13.84 12.80 9.45
CA GLN A 214 12.39 12.62 9.58
C GLN A 214 11.92 13.16 10.92
N ALA A 215 11.09 14.19 10.88
CA ALA A 215 10.60 14.82 12.10
C ALA A 215 9.57 13.99 12.85
N TYR A 216 9.01 12.95 12.22
CA TYR A 216 8.18 12.05 13.01
C TYR A 216 9.00 11.16 13.93
N GLY A 217 10.32 11.21 13.81
CA GLY A 217 11.20 10.41 14.64
C GLY A 217 11.67 11.14 15.89
N LYS A 218 11.74 10.40 17.00
CA LYS A 218 12.15 10.98 18.27
C LYS A 218 13.60 11.44 18.26
N ARG A 219 14.43 10.88 17.40
CA ARG A 219 15.85 11.25 17.36
C ARG A 219 16.13 12.50 16.54
N CYS A 220 15.14 13.03 15.82
CA CYS A 220 15.33 14.09 14.84
C CYS A 220 16.17 15.27 15.32
N PRO A 221 15.84 15.95 16.43
CA PRO A 221 16.66 17.11 16.82
C PRO A 221 18.11 16.72 17.12
N PHE A 222 18.32 15.53 17.65
CA PHE A 222 19.68 15.11 18.00
C PHE A 222 20.46 14.69 16.76
N VAL A 223 19.79 14.12 15.76
CA VAL A 223 20.43 13.89 14.48
C VAL A 223 20.86 15.20 13.86
N LEU A 224 19.99 16.21 13.91
CA LEU A 224 20.32 17.53 13.38
C LEU A 224 21.50 18.16 14.09
N ASP A 225 21.54 18.07 15.43
CA ASP A 225 22.71 18.60 16.15
C ASP A 225 23.99 17.94 15.65
N PHE A 226 23.96 16.61 15.46
CA PHE A 226 25.13 15.90 14.98
C PHE A 226 25.52 16.34 13.58
N ILE A 227 24.53 16.49 12.69
CA ILE A 227 24.81 16.86 11.30
C ILE A 227 25.34 18.30 11.22
N ILE A 228 24.72 19.21 11.97
CA ILE A 228 25.19 20.60 11.98
C ILE A 228 26.63 20.67 12.47
N ASP A 229 26.96 19.93 13.53
CA ASP A 229 28.33 19.91 14.01
C ASP A 229 29.26 19.27 12.97
N LEU A 230 28.80 18.19 12.31
CA LEU A 230 29.62 17.55 11.29
C LEU A 230 29.91 18.49 10.13
N ALA A 231 28.90 19.22 9.67
CA ALA A 231 29.11 20.22 8.62
C ALA A 231 30.14 21.25 9.05
N ARG A 232 30.04 21.74 10.29
CA ARG A 232 30.93 22.79 10.76
C ARG A 232 32.36 22.29 10.86
N ARG A 233 32.57 21.06 11.35
CA ARG A 233 33.92 20.57 11.50
C ARG A 233 34.52 20.05 10.20
N SER A 234 33.69 19.55 9.28
CA SER A 234 34.19 19.00 8.03
C SER A 234 34.33 20.04 6.93
N GLY A 235 33.70 21.20 7.07
CA GLY A 235 33.67 22.18 6.01
C GLY A 235 32.75 21.87 4.87
N ARG A 236 31.91 20.84 5.01
CA ARG A 236 30.92 20.48 4.00
C ARG A 236 29.60 21.13 4.38
N ARG A 237 29.03 21.91 3.48
CA ARG A 237 27.75 22.56 3.76
C ARG A 237 26.67 21.55 3.39
N ILE A 238 26.37 20.68 4.36
CA ILE A 238 25.50 19.52 4.10
C ILE A 238 24.11 20.02 3.76
N MET A 239 23.53 19.48 2.69
CA MET A 239 22.14 19.77 2.36
C MET A 239 21.26 18.90 3.24
N VAL A 240 20.38 19.51 4.02
CA VAL A 240 19.58 18.76 4.99
C VAL A 240 18.12 18.91 4.61
N ARG A 241 17.51 17.82 4.16
CA ARG A 241 16.08 17.82 3.83
C ARG A 241 15.30 17.43 5.08
N LEU A 242 14.54 18.38 5.61
CA LEU A 242 13.68 18.13 6.75
C LEU A 242 12.31 17.72 6.24
N VAL A 243 11.87 16.52 6.63
CA VAL A 243 10.59 15.97 6.20
C VAL A 243 9.86 15.53 7.48
N LYS A 244 8.56 15.25 7.33
CA LYS A 244 7.86 14.60 8.44
C LYS A 244 8.14 13.10 8.42
N GLY A 245 7.73 12.40 7.37
CA GLY A 245 8.16 11.03 7.17
C GLY A 245 7.12 10.23 6.42
N ALA A 246 7.60 9.27 5.62
CA ALA A 246 6.74 8.55 4.69
C ALA A 246 6.34 7.15 5.11
N TYR A 247 6.85 6.62 6.23
CA TYR A 247 6.72 5.22 6.60
C TYR A 247 5.98 5.03 7.92
N TRP A 248 5.12 5.98 8.28
CA TRP A 248 4.55 5.98 9.63
C TRP A 248 3.74 4.72 9.89
N ASP A 249 2.85 4.36 8.98
CA ASP A 249 2.00 3.19 9.18
C ASP A 249 2.84 1.93 9.39
N ALA A 250 3.90 1.77 8.61
CA ALA A 250 4.76 0.60 8.77
C ALA A 250 5.56 0.65 10.06
N GLU A 251 6.00 1.82 10.50
CA GLU A 251 6.70 1.90 11.78
C GLU A 251 5.78 1.51 12.92
N ILE A 252 4.52 1.95 12.87
CA ILE A 252 3.58 1.61 13.93
C ILE A 252 3.35 0.10 13.97
N LYS A 253 3.16 -0.52 12.80
CA LYS A 253 2.90 -1.95 12.74
C LYS A 253 4.09 -2.74 13.25
N ARG A 254 5.30 -2.32 12.91
CA ARG A 254 6.51 -3.01 13.39
C ARG A 254 6.64 -2.87 14.90
N ALA A 255 6.40 -1.67 15.42
CA ALA A 255 6.57 -1.42 16.85
C ALA A 255 5.52 -2.17 17.67
N GLN A 256 4.30 -2.27 17.16
CA GLN A 256 3.27 -3.03 17.86
C GLN A 256 3.62 -4.51 17.89
N LEU A 257 4.14 -5.05 16.80
CA LEU A 257 4.52 -6.45 16.76
C LEU A 257 5.71 -6.74 17.66
N ASP A 258 6.68 -5.83 17.70
CA ASP A 258 7.87 -5.99 18.54
C ASP A 258 7.57 -5.91 20.04
N GLY A 259 6.31 -5.80 20.47
CA GLY A 259 6.00 -5.67 21.87
C GLY A 259 6.50 -4.39 22.51
N LEU A 260 6.89 -3.42 21.70
CA LEU A 260 7.47 -2.18 22.21
C LEU A 260 6.39 -1.32 22.87
N ALA A 261 6.68 -0.86 24.08
CA ALA A 261 5.80 0.13 24.70
C ALA A 261 6.04 1.52 24.16
N ASP A 262 7.29 1.85 23.83
CA ASP A 262 7.67 3.15 23.31
C ASP A 262 8.22 2.96 21.90
N PHE A 263 7.65 3.66 20.94
CA PHE A 263 7.98 3.49 19.53
C PHE A 263 9.09 4.47 19.14
N PRO A 264 9.76 4.24 18.00
CA PRO A 264 10.77 5.20 17.53
C PRO A 264 10.18 6.42 16.81
N VAL A 265 8.85 6.47 16.66
CA VAL A 265 8.16 7.59 16.03
C VAL A 265 7.07 8.07 16.97
N PHE A 266 6.65 9.31 16.76
CA PHE A 266 5.50 9.85 17.47
C PHE A 266 4.23 9.13 17.01
N THR A 267 3.22 9.15 17.88
CA THR A 267 1.96 8.50 17.57
C THR A 267 0.81 9.48 17.39
N ARG A 268 1.02 10.75 17.68
CA ARG A 268 0.04 11.80 17.43
C ARG A 268 0.59 12.74 16.36
N LYS A 269 -0.23 13.01 15.33
CA LYS A 269 0.25 13.81 14.20
C LYS A 269 0.69 15.19 14.65
N ILE A 270 0.00 15.76 15.63
CA ILE A 270 0.37 17.09 16.10
C ILE A 270 1.76 17.10 16.72
N HIS A 271 2.19 15.98 17.30
CA HIS A 271 3.56 15.93 17.83
C HIS A 271 4.58 15.97 16.70
N THR A 272 4.32 15.30 15.59
CA THR A 272 5.21 15.41 14.45
C THR A 272 5.25 16.85 13.95
N ASP A 273 4.10 17.53 13.93
CA ASP A 273 4.09 18.91 13.45
C ASP A 273 4.92 19.81 14.35
N VAL A 274 4.80 19.64 15.67
CA VAL A 274 5.61 20.43 16.60
C VAL A 274 7.08 20.10 16.41
N SER A 275 7.40 18.82 16.28
CA SER A 275 8.77 18.40 16.04
C SER A 275 9.35 19.06 14.79
N TYR A 276 8.57 19.10 13.71
CA TYR A 276 9.05 19.70 12.47
C TYR A 276 9.40 21.18 12.66
N ILE A 277 8.50 21.94 13.29
CA ILE A 277 8.75 23.37 13.48
C ILE A 277 9.95 23.60 14.39
N ALA A 278 10.05 22.83 15.47
CA ALA A 278 11.21 22.95 16.35
C ALA A 278 12.50 22.65 15.60
N CYS A 279 12.48 21.63 14.75
CA CYS A 279 13.68 21.27 14.00
C CYS A 279 13.99 22.29 12.91
N ALA A 280 12.96 22.91 12.33
CA ALA A 280 13.18 23.98 11.37
C ALA A 280 13.85 25.18 12.03
N ALA A 281 13.44 25.50 13.26
CA ALA A 281 14.12 26.57 14.00
C ALA A 281 15.59 26.26 14.18
N LYS A 282 15.91 25.02 14.53
CA LYS A 282 17.30 24.62 14.66
C LYS A 282 18.07 24.77 13.35
N LEU A 283 17.48 24.36 12.24
CA LEU A 283 18.15 24.45 10.95
C LEU A 283 18.32 25.91 10.51
N LEU A 284 17.31 26.74 10.75
CA LEU A 284 17.39 28.12 10.31
C LEU A 284 18.45 28.90 11.07
N ALA A 285 18.79 28.46 12.29
CA ALA A 285 19.88 29.04 13.05
C ALA A 285 21.25 28.56 12.59
N ALA A 286 21.31 27.65 11.61
CA ALA A 286 22.58 27.05 11.19
C ALA A 286 22.80 27.17 9.68
N THR A 287 22.15 28.14 9.03
CA THR A 287 22.31 28.27 7.59
C THR A 287 23.74 28.57 7.14
N ASP A 288 24.62 29.01 8.05
CA ASP A 288 26.01 29.20 7.68
C ASP A 288 26.67 27.89 7.28
N VAL A 289 26.29 26.80 7.94
CA VAL A 289 27.00 25.54 7.80
C VAL A 289 26.20 24.44 7.14
N VAL A 290 24.87 24.53 7.11
CA VAL A 290 24.03 23.57 6.41
C VAL A 290 23.09 24.33 5.47
N PHE A 291 22.57 23.60 4.47
CA PHE A 291 21.59 24.13 3.53
C PHE A 291 20.26 23.47 3.83
N PRO A 292 19.38 24.12 4.59
CA PRO A 292 18.11 23.47 4.93
C PRO A 292 17.18 23.41 3.74
N GLN A 293 16.48 22.29 3.62
CA GLN A 293 15.53 22.05 2.53
C GLN A 293 14.23 21.61 3.18
N PHE A 294 13.24 22.50 3.20
CA PHE A 294 11.99 22.28 3.93
C PHE A 294 10.97 21.63 3.02
N ALA A 295 10.87 20.32 3.12
CA ALA A 295 9.99 19.51 2.27
C ALA A 295 8.64 19.39 2.97
N THR A 296 7.59 20.00 2.40
CA THR A 296 6.26 19.94 2.98
C THR A 296 5.26 20.41 1.93
N HIS A 297 4.04 19.85 2.00
CA HIS A 297 2.92 20.37 1.24
C HIS A 297 1.91 21.10 2.13
N ASN A 298 2.24 21.30 3.40
CA ASN A 298 1.33 21.89 4.38
C ASN A 298 1.56 23.40 4.38
N ALA A 299 0.53 24.16 4.00
CA ALA A 299 0.66 25.60 3.87
C ALA A 299 0.93 26.28 5.21
N GLN A 300 0.41 25.73 6.32
CA GLN A 300 0.71 26.30 7.62
C GLN A 300 2.17 26.08 7.98
N THR A 301 2.67 24.86 7.75
CA THR A 301 4.08 24.57 8.00
C THR A 301 4.96 25.50 7.17
N LEU A 302 4.64 25.64 5.88
CA LEU A 302 5.40 26.50 4.99
C LEU A 302 5.40 27.95 5.49
N ALA A 303 4.21 28.47 5.79
CA ALA A 303 4.11 29.87 6.21
C ALA A 303 4.90 30.12 7.48
N ALA A 304 4.85 29.17 8.43
CA ALA A 304 5.61 29.31 9.66
C ALA A 304 7.10 29.43 9.37
N ILE A 305 7.63 28.54 8.54
CA ILE A 305 9.05 28.57 8.21
C ILE A 305 9.43 29.83 7.47
N TYR A 306 8.61 30.23 6.49
CA TYR A 306 8.86 31.45 5.73
C TYR A 306 9.07 32.65 6.65
N HIS A 307 8.25 32.77 7.69
CA HIS A 307 8.41 33.89 8.60
C HIS A 307 9.52 33.66 9.62
N MET A 308 9.71 32.41 10.06
CA MET A 308 10.82 32.13 10.98
C MET A 308 12.16 32.45 10.35
N ALA A 309 12.26 32.33 9.04
CA ALA A 309 13.53 32.54 8.34
C ALA A 309 13.94 34.00 8.29
N GLY A 310 13.02 34.92 8.53
CA GLY A 310 13.38 36.33 8.53
C GLY A 310 13.44 36.92 7.14
N LYS A 311 13.85 38.20 7.10
CA LYS A 311 13.77 38.98 5.88
C LYS A 311 14.94 38.74 4.93
N ASP A 312 16.10 38.33 5.46
CA ASP A 312 17.27 38.14 4.62
C ASP A 312 17.15 36.82 3.87
N PHE A 313 17.28 36.88 2.55
CA PHE A 313 17.28 35.66 1.75
C PHE A 313 18.20 35.82 0.55
N HIS A 314 18.87 34.73 0.19
CA HIS A 314 19.59 34.62 -1.07
C HIS A 314 19.51 33.16 -1.49
N VAL A 315 19.58 32.91 -2.80
CA VAL A 315 19.62 31.53 -3.29
C VAL A 315 20.85 30.85 -2.71
N GLY A 316 20.64 29.67 -2.15
CA GLY A 316 21.65 28.98 -1.39
C GLY A 316 21.49 29.10 0.11
N LYS A 317 20.62 29.98 0.60
CA LYS A 317 20.42 30.05 2.05
C LYS A 317 19.60 28.87 2.54
N TYR A 318 18.41 28.68 1.96
CA TYR A 318 17.55 27.53 2.20
CA TYR A 318 17.57 27.51 2.18
C TYR A 318 16.65 27.40 0.98
N GLU A 319 15.89 26.29 0.93
CA GLU A 319 14.87 26.14 -0.10
C GLU A 319 13.71 25.35 0.49
N PHE A 320 12.59 25.37 -0.20
CA PHE A 320 11.48 24.45 0.05
C PHE A 320 11.59 23.29 -0.93
N GLN A 321 10.84 22.23 -0.65
CA GLN A 321 10.75 21.12 -1.58
C GLN A 321 9.35 20.52 -1.58
N CYS A 322 9.00 19.89 -2.69
CA CYS A 322 7.71 19.21 -2.80
C CYS A 322 7.86 17.97 -3.68
N LEU A 323 6.85 17.10 -3.62
CA LEU A 323 6.81 15.93 -4.50
C LEU A 323 6.09 16.28 -5.80
N HIS A 324 6.64 15.79 -6.91
CA HIS A 324 5.99 15.93 -8.20
C HIS A 324 4.56 15.41 -8.11
N GLY A 325 3.63 16.19 -8.67
CA GLY A 325 2.23 15.81 -8.68
C GLY A 325 1.46 16.17 -7.44
N MET A 326 2.13 16.61 -6.38
CA MET A 326 1.46 17.04 -5.15
C MET A 326 1.67 18.50 -4.80
N GLY A 327 2.84 19.06 -5.09
CA GLY A 327 3.17 20.34 -4.51
C GLY A 327 2.95 21.54 -5.40
N GLU A 328 2.71 21.32 -6.68
CA GLU A 328 2.66 22.44 -7.61
C GLU A 328 1.56 23.46 -7.29
N PRO A 329 0.33 23.08 -6.92
CA PRO A 329 -0.66 24.11 -6.58
C PRO A 329 -0.23 25.03 -5.45
N LEU A 330 0.35 24.48 -4.38
CA LEU A 330 0.84 25.31 -3.30
C LEU A 330 2.01 26.16 -3.74
N TYR A 331 3.01 25.54 -4.37
CA TYR A 331 4.25 26.25 -4.65
C TYR A 331 4.13 27.24 -5.81
N GLU A 332 3.10 27.12 -6.64
CA GLU A 332 2.81 28.20 -7.58
C GLU A 332 2.40 29.47 -6.86
N GLU A 333 2.11 29.40 -5.57
CA GLU A 333 1.81 30.57 -4.76
C GLU A 333 3.02 31.03 -3.96
N VAL A 334 4.19 30.44 -4.22
CA VAL A 334 5.39 30.64 -3.42
C VAL A 334 6.55 31.10 -4.30
N VAL A 335 6.84 30.33 -5.35
CA VAL A 335 7.96 30.66 -6.23
CA VAL A 335 7.94 30.64 -6.24
C VAL A 335 7.60 31.88 -7.07
N GLY A 336 8.63 32.64 -7.42
CA GLY A 336 8.39 33.73 -8.34
C GLY A 336 8.34 35.08 -7.67
N ARG A 337 8.68 36.11 -8.44
CA ARG A 337 8.76 37.47 -7.89
C ARG A 337 7.39 38.03 -7.54
N GLY A 338 6.32 37.49 -8.11
CA GLY A 338 4.98 37.93 -7.77
C GLY A 338 4.39 37.26 -6.54
N LYS A 339 5.12 36.31 -5.94
CA LYS A 339 4.60 35.53 -4.83
C LYS A 339 5.51 35.77 -3.63
N LEU A 340 6.09 34.72 -3.04
CA LEU A 340 7.00 34.86 -1.91
C LEU A 340 8.47 34.88 -2.32
N ASP A 341 8.77 34.66 -3.60
CA ASP A 341 10.15 34.71 -4.10
C ASP A 341 11.07 33.77 -3.31
N ARG A 342 10.61 32.56 -3.09
CA ARG A 342 11.44 31.52 -2.52
C ARG A 342 11.45 30.32 -3.45
N PRO A 343 12.58 29.63 -3.60
CA PRO A 343 12.67 28.50 -4.53
C PRO A 343 12.12 27.23 -3.93
N CYS A 344 11.70 26.33 -4.82
CA CYS A 344 11.23 25.01 -4.44
C CYS A 344 11.84 23.97 -5.35
N ARG A 345 12.38 22.89 -4.77
CA ARG A 345 12.91 21.76 -5.53
C ARG A 345 11.88 20.64 -5.57
N ILE A 346 11.58 20.17 -6.77
CA ILE A 346 10.58 19.12 -7.01
C ILE A 346 11.30 17.77 -6.99
N TYR A 347 10.86 16.87 -6.10
CA TYR A 347 11.33 15.49 -6.09
C TYR A 347 10.60 14.79 -7.24
N ALA A 348 11.37 14.28 -8.20
CA ALA A 348 10.85 13.87 -9.50
C ALA A 348 11.15 12.40 -9.73
N PRO A 349 10.19 11.51 -9.45
CA PRO A 349 10.41 10.08 -9.72
C PRO A 349 10.50 9.79 -11.20
N VAL A 350 11.38 8.86 -11.54
CA VAL A 350 11.65 8.47 -12.92
C VAL A 350 11.66 6.95 -12.99
N GLY A 351 10.81 6.38 -13.84
CA GLY A 351 10.83 4.95 -13.99
C GLY A 351 9.57 4.43 -14.65
N THR A 352 9.52 3.11 -14.76
CA THR A 352 8.39 2.38 -15.29
C THR A 352 7.33 2.20 -14.21
N HIS A 353 6.14 1.76 -14.66
CA HIS A 353 5.05 1.50 -13.72
C HIS A 353 5.40 0.43 -12.69
N GLU A 354 6.22 -0.56 -13.08
CA GLU A 354 6.62 -1.60 -12.14
C GLU A 354 7.40 -1.03 -10.96
N THR A 355 8.48 -0.29 -11.23
CA THR A 355 9.27 0.29 -10.14
C THR A 355 8.51 1.36 -9.38
N LEU A 356 7.35 1.77 -9.87
CA LEU A 356 6.57 2.82 -9.24
C LEU A 356 5.75 2.35 -8.05
N LEU A 357 5.44 1.04 -7.99
CA LEU A 357 4.35 0.57 -7.12
C LEU A 357 4.57 0.93 -5.65
N ALA A 358 5.76 0.65 -5.09
CA ALA A 358 5.95 0.86 -3.65
C ALA A 358 5.85 2.33 -3.29
N TYR A 359 6.45 3.19 -4.11
CA TYR A 359 6.34 4.63 -3.91
C TYR A 359 4.88 5.07 -3.96
N LEU A 360 4.11 4.49 -4.88
CA LEU A 360 2.69 4.81 -4.93
C LEU A 360 1.96 4.45 -3.64
N VAL A 361 2.29 3.32 -3.01
CA VAL A 361 1.61 2.96 -1.76
C VAL A 361 1.81 4.02 -0.70
N ARG A 362 3.03 4.54 -0.59
CA ARG A 362 3.25 5.60 0.38
C ARG A 362 2.50 6.88 0.01
N ARG A 363 2.32 7.16 -1.28
CA ARG A 363 1.52 8.32 -1.65
C ARG A 363 0.06 8.12 -1.30
N LEU A 364 -0.43 6.88 -1.37
CA LEU A 364 -1.82 6.62 -0.99
C LEU A 364 -2.03 6.78 0.51
N LEU A 365 -1.11 6.25 1.31
CA LEU A 365 -1.18 6.46 2.76
C LEU A 365 -1.08 7.94 3.10
N GLU A 366 -0.32 8.71 2.32
CA GLU A 366 -0.15 10.13 2.56
C GLU A 366 -1.40 10.92 2.15
N ASN A 367 -1.89 10.70 0.94
CA ASN A 367 -3.05 11.45 0.45
C ASN A 367 -4.35 10.98 1.07
N GLY A 368 -4.46 9.70 1.42
CA GLY A 368 -5.73 9.17 1.89
C GLY A 368 -5.99 9.33 3.36
N ALA A 369 -4.99 9.75 4.13
CA ALA A 369 -5.17 9.89 5.56
C ALA A 369 -5.98 11.13 5.86
N ASN A 370 -7.02 10.96 6.67
CA ASN A 370 -7.85 12.08 7.09
C ASN A 370 -7.03 13.14 7.83
N SER A 371 -5.89 12.78 8.40
CA SER A 371 -5.04 13.73 9.12
C SER A 371 -4.11 14.54 8.21
N SER A 372 -3.97 14.19 6.95
CA SER A 372 -3.04 14.89 6.07
C SER A 372 -3.61 16.21 5.57
N PHE A 373 -2.74 17.23 5.52
CA PHE A 373 -3.12 18.53 4.95
C PHE A 373 -3.73 18.39 3.56
N VAL A 374 -3.11 17.56 2.70
CA VAL A 374 -3.60 17.45 1.33
C VAL A 374 -5.00 16.81 1.26
N HIS A 375 -5.41 16.08 2.28
CA HIS A 375 -6.79 15.62 2.34
C HIS A 375 -7.70 16.67 2.95
N ARG A 376 -7.24 17.32 4.02
CA ARG A 376 -8.05 18.31 4.72
C ARG A 376 -8.35 19.53 3.87
N ILE A 377 -7.44 19.91 2.98
CA ILE A 377 -7.63 21.10 2.15
C ILE A 377 -8.88 20.98 1.28
N ASN A 378 -9.30 19.74 0.98
CA ASN A 378 -10.51 19.48 0.19
C ASN A 378 -11.70 19.04 1.03
N ASP A 379 -11.54 18.94 2.34
CA ASP A 379 -12.59 18.39 3.19
C ASP A 379 -13.55 19.52 3.56
N PRO A 380 -14.83 19.42 3.21
CA PRO A 380 -15.77 20.50 3.56
C PRO A 380 -15.99 20.66 5.05
N LYS A 381 -15.66 19.65 5.86
CA LYS A 381 -15.83 19.76 7.30
C LYS A 381 -14.70 20.53 7.97
N VAL A 382 -13.61 20.82 7.27
CA VAL A 382 -12.43 21.44 7.85
C VAL A 382 -12.40 22.91 7.44
N SER A 383 -12.37 23.79 8.45
CA SER A 383 -12.37 25.23 8.23
C SER A 383 -10.96 25.74 7.97
N ILE A 384 -10.88 26.91 7.32
CA ILE A 384 -9.60 27.58 7.16
C ILE A 384 -9.00 27.92 8.53
N ASP A 385 -9.86 28.31 9.48
CA ASP A 385 -9.39 28.60 10.84
C ASP A 385 -8.63 27.41 11.42
N GLU A 386 -9.16 26.20 11.20
CA GLU A 386 -8.48 25.00 11.66
C GLU A 386 -7.18 24.76 10.91
N LEU A 387 -7.16 25.00 9.58
CA LEU A 387 -5.98 24.73 8.79
C LEU A 387 -4.81 25.66 9.14
N ILE A 388 -5.09 26.86 9.64
CA ILE A 388 -4.03 27.80 10.00
C ILE A 388 -3.64 27.72 11.46
N ALA A 389 -4.20 26.77 12.21
CA ALA A 389 -3.87 26.65 13.63
C ALA A 389 -2.37 26.38 13.81
N ASP A 390 -1.79 27.03 14.81
CA ASP A 390 -0.40 26.81 15.18
C ASP A 390 -0.32 25.54 16.02
N PRO A 391 0.46 24.53 15.60
CA PRO A 391 0.50 23.28 16.37
C PRO A 391 0.86 23.42 17.84
N VAL A 392 1.76 24.34 18.20
CA VAL A 392 2.08 24.54 19.61
C VAL A 392 0.84 24.99 20.39
N GLU A 393 0.02 25.84 19.78
CA GLU A 393 -1.15 26.35 20.46
C GLU A 393 -2.24 25.29 20.60
N VAL A 394 -2.22 24.26 19.75
CA VAL A 394 -3.26 23.24 19.76
C VAL A 394 -2.91 22.07 20.67
N VAL A 395 -1.62 21.77 20.85
CA VAL A 395 -1.20 20.57 21.55
C VAL A 395 -1.42 20.65 23.07
N SER B 1 -6.83 -44.33 12.22
CA SER B 1 -6.04 -43.11 12.03
C SER B 1 -6.79 -41.88 12.54
N ARG B 2 -6.07 -40.77 12.74
CA ARG B 2 -6.71 -39.52 13.13
C ARG B 2 -7.77 -39.15 12.08
N PRO B 3 -8.87 -38.54 12.51
CA PRO B 3 -9.94 -38.21 11.54
C PRO B 3 -9.40 -37.37 10.41
N GLN B 4 -9.68 -37.80 9.17
CA GLN B 4 -9.25 -37.11 7.96
C GLN B 4 -7.72 -37.04 7.85
N SER B 5 -7.04 -38.06 8.36
CA SER B 5 -5.58 -38.04 8.41
C SER B 5 -4.98 -37.81 7.03
N THR B 6 -5.47 -38.52 6.02
CA THR B 6 -4.87 -38.42 4.69
C THR B 6 -5.09 -37.03 4.11
N LEU B 7 -6.31 -36.50 4.20
CA LEU B 7 -6.58 -35.17 3.67
C LEU B 7 -5.80 -34.09 4.41
N ARG B 8 -5.68 -34.21 5.73
CA ARG B 8 -4.98 -33.20 6.50
C ARG B 8 -3.48 -33.26 6.26
N ARG B 9 -2.93 -34.47 6.17
CA ARG B 9 -1.51 -34.60 5.88
C ARG B 9 -1.17 -34.02 4.51
N ALA B 10 -2.10 -34.11 3.55
CA ALA B 10 -1.84 -33.56 2.23
C ALA B 10 -1.76 -32.04 2.27
N ILE B 11 -2.59 -31.41 3.10
CA ILE B 11 -2.53 -29.94 3.23
C ILE B 11 -1.19 -29.53 3.83
N THR B 12 -0.82 -30.15 4.95
CA THR B 12 0.43 -29.79 5.63
C THR B 12 1.64 -30.04 4.75
N ALA B 13 1.63 -31.15 3.99
CA ALA B 13 2.76 -31.46 3.11
C ALA B 13 2.91 -30.44 1.99
N ALA B 14 1.82 -29.82 1.58
CA ALA B 14 1.88 -28.86 0.48
C ALA B 14 2.32 -27.47 0.92
N TYR B 15 2.29 -27.18 2.23
CA TYR B 15 2.44 -25.84 2.77
C TYR B 15 3.54 -25.04 2.09
N ARG B 16 4.76 -25.60 2.08
CA ARG B 16 5.93 -24.97 1.49
C ARG B 16 6.62 -25.92 0.51
N ARG B 17 5.83 -26.73 -0.19
CA ARG B 17 6.36 -27.62 -1.21
C ARG B 17 7.00 -26.79 -2.33
N PRO B 18 8.13 -27.22 -2.89
CA PRO B 18 8.74 -26.46 -3.99
C PRO B 18 7.77 -26.20 -5.13
N GLU B 19 7.78 -24.94 -5.61
CA GLU B 19 6.86 -24.51 -6.65
C GLU B 19 6.90 -25.42 -7.88
N THR B 20 8.10 -25.83 -8.29
CA THR B 20 8.19 -26.67 -9.47
C THR B 20 7.55 -28.04 -9.26
N GLU B 21 7.47 -28.52 -8.01
CA GLU B 21 6.78 -29.77 -7.75
C GLU B 21 5.27 -29.58 -7.69
N CYS B 22 4.81 -28.38 -7.32
CA CYS B 22 3.37 -28.14 -7.23
C CYS B 22 2.72 -28.06 -8.61
N LEU B 23 3.47 -27.63 -9.63
CA LEU B 23 2.82 -27.18 -10.85
C LEU B 23 2.35 -28.27 -11.81
N PRO B 24 3.08 -29.36 -12.02
CA PRO B 24 2.67 -30.34 -13.05
C PRO B 24 1.25 -30.87 -12.87
N PRO B 25 0.83 -31.25 -11.66
CA PRO B 25 -0.56 -31.72 -11.54
C PRO B 25 -1.58 -30.62 -11.80
N LEU B 26 -1.26 -29.37 -11.51
CA LEU B 26 -2.17 -28.28 -11.81
C LEU B 26 -2.24 -28.02 -13.30
N VAL B 27 -1.10 -28.04 -13.99
CA VAL B 27 -1.08 -27.83 -15.44
C VAL B 27 -1.98 -28.85 -16.13
N GLU B 28 -1.89 -30.11 -15.73
CA GLU B 28 -2.73 -31.15 -16.33
C GLU B 28 -4.20 -30.90 -16.03
N ALA B 29 -4.53 -30.58 -14.78
CA ALA B 29 -5.92 -30.36 -14.42
C ALA B 29 -6.50 -29.12 -15.08
N ALA B 30 -5.66 -28.16 -15.44
CA ALA B 30 -6.09 -26.91 -16.05
C ALA B 30 -6.12 -26.96 -17.57
N THR B 31 -5.67 -28.06 -18.17
CA THR B 31 -5.65 -28.17 -19.62
C THR B 31 -7.05 -28.42 -20.14
N GLN B 32 -7.50 -27.59 -21.07
CA GLN B 32 -8.77 -27.79 -21.73
C GLN B 32 -8.55 -28.08 -23.21
N SER B 33 -9.60 -28.61 -23.85
CA SER B 33 -9.50 -28.99 -25.24
C SER B 33 -9.29 -27.78 -26.13
N LYS B 34 -8.73 -28.04 -27.31
CA LYS B 34 -8.60 -27.00 -28.32
C LYS B 34 -9.94 -26.35 -28.64
N GLU B 35 -10.99 -27.17 -28.78
CA GLU B 35 -12.31 -26.63 -29.07
C GLU B 35 -12.79 -25.69 -27.98
N ILE B 36 -12.60 -26.06 -26.71
CA ILE B 36 -12.99 -25.19 -25.61
C ILE B 36 -12.11 -23.95 -25.56
N ARG B 37 -10.81 -24.11 -25.81
CA ARG B 37 -9.92 -22.95 -25.76
C ARG B 37 -10.25 -21.94 -26.86
N ASP B 38 -10.62 -22.43 -28.04
CA ASP B 38 -11.02 -21.54 -29.13
C ASP B 38 -12.29 -20.78 -28.78
N ALA B 39 -13.29 -21.49 -28.24
CA ALA B 39 -14.53 -20.83 -27.84
C ALA B 39 -14.29 -19.83 -26.71
N ALA B 40 -13.44 -20.19 -25.75
CA ALA B 40 -13.15 -19.28 -24.66
C ALA B 40 -12.42 -18.03 -25.15
N ALA B 41 -11.50 -18.19 -26.10
CA ALA B 41 -10.80 -17.04 -26.65
C ALA B 41 -11.76 -16.08 -27.34
N SER B 42 -12.74 -16.62 -28.05
CA SER B 42 -13.77 -15.78 -28.68
C SER B 42 -14.57 -15.03 -27.64
N THR B 43 -14.96 -15.71 -26.56
CA THR B 43 -15.71 -15.04 -25.50
C THR B 43 -14.86 -13.96 -24.82
N ALA B 44 -13.60 -14.27 -24.53
CA ALA B 44 -12.74 -13.29 -23.85
C ALA B 44 -12.53 -12.06 -24.73
N ARG B 45 -12.36 -12.28 -26.03
CA ARG B 45 -12.19 -11.16 -26.95
C ARG B 45 -13.40 -10.24 -26.92
N LYS B 46 -14.61 -10.83 -26.96
CA LYS B 46 -15.83 -10.04 -26.94
C LYS B 46 -15.92 -9.24 -25.65
N LEU B 47 -15.60 -9.87 -24.51
CA LEU B 47 -15.71 -9.18 -23.23
C LEU B 47 -14.75 -8.00 -23.15
N ILE B 48 -13.53 -8.18 -23.63
CA ILE B 48 -12.54 -7.10 -23.59
C ILE B 48 -12.91 -5.98 -24.55
N GLU B 49 -13.36 -6.35 -25.76
CA GLU B 49 -13.78 -5.31 -26.70
C GLU B 49 -14.99 -4.54 -26.18
N ALA B 50 -15.86 -5.18 -25.42
CA ALA B 50 -16.91 -4.44 -24.75
C ALA B 50 -16.33 -3.54 -23.66
N LEU B 51 -15.33 -4.04 -22.92
CA LEU B 51 -14.75 -3.33 -21.78
C LEU B 51 -14.13 -1.99 -22.16
N ARG B 52 -14.13 -1.67 -23.44
CA ARG B 52 -13.57 -0.42 -23.91
C ARG B 52 -14.56 0.40 -24.73
N GLY B 53 -15.51 -0.25 -25.39
CA GLY B 53 -16.52 0.51 -26.13
C GLY B 53 -17.50 1.21 -25.22
N LYS B 54 -17.87 0.56 -24.11
CA LYS B 54 -18.78 1.17 -23.15
C LYS B 54 -18.05 2.03 -22.12
N HIS B 55 -16.74 1.89 -22.00
CA HIS B 55 -15.97 2.64 -21.00
C HIS B 55 -14.49 2.66 -21.34
N SER B 63 -9.95 5.73 -9.37
CA SER B 63 -9.37 6.77 -8.52
C SER B 63 -8.56 6.16 -7.38
N MET B 64 -7.42 6.78 -7.08
CA MET B 64 -6.56 6.26 -6.02
C MET B 64 -7.22 6.38 -4.64
N MET B 65 -7.99 7.44 -4.42
CA MET B 65 -8.60 7.66 -3.11
C MET B 65 -9.69 6.66 -2.77
N GLY B 66 -10.14 5.85 -3.73
CA GLY B 66 -10.93 4.70 -3.38
C GLY B 66 -12.31 4.95 -2.81
N GLU B 67 -12.88 6.14 -3.02
CA GLU B 67 -14.30 6.31 -2.76
C GLU B 67 -15.10 5.31 -3.58
N GLN B 68 -14.61 4.95 -4.76
CA GLN B 68 -15.32 4.03 -5.62
C GLN B 68 -15.28 2.60 -5.11
N PHE B 69 -14.52 2.31 -4.04
CA PHE B 69 -14.45 0.96 -3.48
C PHE B 69 -15.39 0.72 -2.30
N VAL B 70 -16.05 1.74 -1.79
CA VAL B 70 -16.92 1.61 -0.61
C VAL B 70 -18.36 1.87 -1.06
N THR B 71 -19.25 0.97 -0.67
CA THR B 71 -20.64 1.07 -1.10
CA THR B 71 -20.64 1.04 -1.08
C THR B 71 -21.45 2.01 -0.23
N GLY B 72 -21.08 2.17 1.04
CA GLY B 72 -21.78 3.10 1.93
C GLY B 72 -21.05 3.21 3.24
N GLU B 73 -21.42 4.24 4.02
CA GLU B 73 -20.83 4.41 5.34
C GLU B 73 -21.51 3.57 6.41
N THR B 74 -22.75 3.16 6.20
CA THR B 74 -23.48 2.32 7.13
C THR B 74 -24.18 1.24 6.32
N ILE B 75 -24.61 0.18 7.01
CA ILE B 75 -25.28 -0.89 6.29
C ILE B 75 -26.58 -0.40 5.67
N ARG B 76 -27.29 0.49 6.36
CA ARG B 76 -28.55 1.01 5.82
C ARG B 76 -28.29 1.74 4.49
N GLU B 77 -27.22 2.54 4.45
CA GLU B 77 -26.88 3.26 3.22
C GLU B 77 -26.45 2.30 2.12
N ALA B 78 -25.61 1.32 2.46
CA ALA B 78 -25.16 0.34 1.47
C ALA B 78 -26.33 -0.44 0.89
N LEU B 79 -27.28 -0.85 1.74
CA LEU B 79 -28.44 -1.60 1.24
C LEU B 79 -29.29 -0.76 0.30
N LYS B 80 -29.48 0.52 0.61
CA LYS B 80 -30.25 1.39 -0.26
C LYS B 80 -29.60 1.50 -1.64
N ARG B 81 -28.28 1.62 -1.67
CA ARG B 81 -27.56 1.80 -2.92
C ARG B 81 -27.42 0.52 -3.74
N SER B 82 -27.94 -0.60 -3.25
CA SER B 82 -27.81 -1.87 -3.94
C SER B 82 -28.99 -2.19 -4.86
N LYS B 83 -30.09 -1.43 -4.77
CA LYS B 83 -31.30 -1.79 -5.48
C LYS B 83 -31.11 -1.81 -6.99
N GLU B 84 -30.37 -0.84 -7.52
CA GLU B 84 -30.23 -0.71 -8.98
C GLU B 84 -29.58 -1.95 -9.58
N LEU B 85 -28.43 -2.36 -9.03
CA LEU B 85 -27.74 -3.52 -9.60
C LEU B 85 -28.47 -4.83 -9.30
N GLU B 86 -29.15 -4.91 -8.15
CA GLU B 86 -29.96 -6.10 -7.89
C GLU B 86 -31.08 -6.24 -8.91
N GLU B 87 -31.65 -5.10 -9.33
CA GLU B 87 -32.69 -5.10 -10.35
C GLU B 87 -32.20 -5.70 -11.66
N LYS B 88 -30.91 -5.52 -11.97
CA LYS B 88 -30.33 -6.07 -13.19
C LYS B 88 -30.00 -7.56 -13.07
N GLY B 89 -29.81 -8.07 -11.86
CA GLY B 89 -29.47 -9.47 -11.71
C GLY B 89 -28.22 -9.72 -10.88
N PHE B 90 -27.58 -8.67 -10.40
CA PHE B 90 -26.46 -8.84 -9.47
C PHE B 90 -26.99 -9.16 -8.08
N SER B 91 -26.15 -9.80 -7.28
CA SER B 91 -26.38 -9.96 -5.84
C SER B 91 -25.21 -9.31 -5.09
N TYR B 92 -25.27 -9.35 -3.76
CA TYR B 92 -24.30 -8.67 -2.91
C TYR B 92 -23.81 -9.56 -1.77
N SER B 93 -22.57 -9.29 -1.37
CA SER B 93 -22.02 -9.75 -0.09
C SER B 93 -21.41 -8.54 0.59
N TYR B 94 -21.96 -8.15 1.74
CA TYR B 94 -21.54 -6.93 2.42
C TYR B 94 -20.42 -7.23 3.41
N ASP B 95 -19.44 -6.34 3.44
CA ASP B 95 -18.31 -6.45 4.36
C ASP B 95 -18.25 -5.19 5.22
N MET B 96 -18.51 -5.34 6.51
CA MET B 96 -18.28 -4.26 7.45
C MET B 96 -16.78 -4.13 7.64
N LEU B 97 -16.19 -3.08 7.08
CA LEU B 97 -14.74 -2.95 7.04
C LEU B 97 -14.15 -2.97 8.44
N GLY B 98 -12.99 -3.61 8.55
CA GLY B 98 -12.32 -3.76 9.83
C GLY B 98 -11.64 -5.10 9.92
N GLU B 99 -10.45 -5.10 10.50
CA GLU B 99 -9.66 -6.33 10.56
C GLU B 99 -8.52 -6.11 11.54
N ALA B 100 -7.84 -7.21 11.86
CA ALA B 100 -6.65 -7.17 12.70
C ALA B 100 -6.91 -6.42 14.00
N ALA B 101 -7.96 -6.82 14.69
CA ALA B 101 -8.27 -6.22 15.99
C ALA B 101 -7.08 -6.35 16.92
N THR B 102 -6.71 -5.24 17.57
CA THR B 102 -5.57 -5.22 18.47
C THR B 102 -5.98 -5.32 19.95
N THR B 103 -7.26 -5.13 20.27
CA THR B 103 -7.73 -5.21 21.64
C THR B 103 -9.05 -5.97 21.70
N ALA B 104 -9.40 -6.41 22.90
CA ALA B 104 -10.69 -7.07 23.10
C ALA B 104 -11.83 -6.12 22.80
N ALA B 105 -11.69 -4.84 23.15
CA ALA B 105 -12.72 -3.85 22.87
C ALA B 105 -12.92 -3.68 21.37
N ASP B 106 -11.83 -3.64 20.60
CA ASP B 106 -11.95 -3.58 19.15
C ASP B 106 -12.68 -4.81 18.60
N ALA B 107 -12.31 -6.00 19.10
CA ALA B 107 -12.95 -7.21 18.60
C ALA B 107 -14.44 -7.25 18.94
N GLU B 108 -14.80 -6.73 20.12
CA GLU B 108 -16.21 -6.66 20.48
C GLU B 108 -16.95 -5.66 19.61
N ARG B 109 -16.31 -4.53 19.27
CA ARG B 109 -16.93 -3.56 18.37
C ARG B 109 -17.21 -4.18 17.01
N TYR B 110 -16.22 -4.90 16.46
CA TYR B 110 -16.41 -5.52 15.16
C TYR B 110 -17.49 -6.59 15.22
N TYR B 111 -17.53 -7.37 16.30
CA TYR B 111 -18.58 -8.37 16.45
C TYR B 111 -19.96 -7.71 16.39
N ARG B 112 -20.13 -6.59 17.08
CA ARG B 112 -21.42 -5.89 17.07
C ARG B 112 -21.73 -5.28 15.70
N ASP B 113 -20.70 -4.82 14.99
CA ASP B 113 -20.91 -4.35 13.62
C ASP B 113 -21.46 -5.46 12.74
N TYR B 114 -20.86 -6.65 12.82
CA TYR B 114 -21.31 -7.78 12.02
C TYR B 114 -22.72 -8.19 12.41
N GLU B 115 -22.99 -8.27 13.71
CA GLU B 115 -24.30 -8.71 14.21
C GLU B 115 -25.40 -7.78 13.72
N SER B 116 -25.22 -6.47 13.91
CA SER B 116 -26.22 -5.51 13.42
CA SER B 116 -26.23 -5.52 13.43
C SER B 116 -26.38 -5.60 11.91
N ALA B 117 -25.27 -5.81 11.20
CA ALA B 117 -25.37 -5.94 9.75
C ALA B 117 -26.20 -7.14 9.34
N ILE B 118 -26.04 -8.28 10.02
CA ILE B 118 -26.81 -9.47 9.65
C ILE B 118 -28.30 -9.21 9.80
N HIS B 119 -28.70 -8.56 10.89
CA HIS B 119 -30.11 -8.25 11.04
C HIS B 119 -30.61 -7.38 9.91
N ALA B 120 -29.82 -6.37 9.51
CA ALA B 120 -30.25 -5.48 8.45
C ALA B 120 -30.25 -6.18 7.10
N ILE B 121 -29.20 -6.93 6.80
CA ILE B 121 -29.14 -7.64 5.53
C ILE B 121 -30.24 -8.70 5.46
N GLY B 122 -30.48 -9.39 6.57
CA GLY B 122 -31.52 -10.40 6.60
C GLY B 122 -32.91 -9.83 6.35
N LYS B 123 -33.20 -8.67 6.95
CA LYS B 123 -34.47 -8.00 6.67
C LYS B 123 -34.57 -7.61 5.19
N ALA B 124 -33.50 -7.03 4.64
CA ALA B 124 -33.50 -6.67 3.23
C ALA B 124 -33.66 -7.91 2.34
N SER B 125 -33.04 -9.02 2.73
CA SER B 125 -33.16 -10.24 1.92
C SER B 125 -34.60 -10.67 1.76
N ALA B 126 -35.38 -10.59 2.84
CA ALA B 126 -36.82 -10.85 2.81
C ALA B 126 -37.14 -12.20 2.21
N GLY B 127 -36.41 -13.23 2.66
CA GLY B 127 -36.67 -14.59 2.24
C GLY B 127 -36.19 -14.95 0.85
N ARG B 128 -35.32 -14.14 0.23
CA ARG B 128 -34.81 -14.48 -1.09
C ARG B 128 -33.86 -15.69 -1.04
N GLY B 129 -33.31 -16.01 0.11
CA GLY B 129 -32.44 -17.16 0.22
C GLY B 129 -30.99 -16.83 -0.09
N ILE B 130 -30.17 -17.88 -0.02
CA ILE B 130 -28.72 -17.65 0.00
C ILE B 130 -28.12 -17.38 -1.38
N TYR B 131 -28.80 -17.76 -2.46
CA TYR B 131 -28.27 -17.56 -3.80
C TYR B 131 -28.79 -16.27 -4.43
N GLU B 132 -30.10 -16.04 -4.37
CA GLU B 132 -30.66 -14.85 -4.99
C GLU B 132 -30.51 -13.60 -4.13
N GLY B 133 -30.46 -13.77 -2.81
CA GLY B 133 -30.44 -12.65 -1.90
C GLY B 133 -29.04 -12.33 -1.40
N PRO B 134 -28.94 -11.20 -0.69
CA PRO B 134 -27.62 -10.73 -0.21
C PRO B 134 -27.10 -11.59 0.94
N GLY B 135 -25.78 -11.53 1.12
CA GLY B 135 -25.14 -12.13 2.27
C GLY B 135 -24.12 -11.21 2.91
N ILE B 136 -23.30 -11.77 3.79
CA ILE B 136 -22.28 -11.03 4.52
C ILE B 136 -20.98 -11.78 4.41
N SER B 137 -19.87 -11.04 4.47
CA SER B 137 -18.53 -11.61 4.57
C SER B 137 -17.89 -11.08 5.84
N ILE B 138 -17.15 -11.94 6.53
CA ILE B 138 -16.47 -11.58 7.78
C ILE B 138 -14.99 -11.96 7.70
N LYS B 139 -14.20 -11.27 8.53
CA LYS B 139 -12.78 -11.58 8.68
C LYS B 139 -12.54 -12.04 10.12
N LEU B 140 -11.97 -13.23 10.27
CA LEU B 140 -11.71 -13.74 11.61
C LEU B 140 -10.76 -12.84 12.41
N SER B 141 -9.85 -12.13 11.73
CA SER B 141 -8.92 -11.27 12.46
C SER B 141 -9.62 -10.09 13.12
N ALA B 142 -10.83 -9.76 12.69
CA ALA B 142 -11.59 -8.70 13.33
C ALA B 142 -12.19 -9.14 14.65
N LEU B 143 -12.32 -10.45 14.87
CA LEU B 143 -13.12 -10.97 15.96
C LEU B 143 -12.30 -11.53 17.11
N HIS B 144 -10.97 -11.53 17.00
CA HIS B 144 -10.12 -11.99 18.07
C HIS B 144 -8.94 -11.03 18.14
N PRO B 145 -8.67 -10.45 19.31
CA PRO B 145 -7.48 -9.60 19.43
C PRO B 145 -6.22 -10.45 19.25
N ARG B 146 -5.24 -9.87 18.56
CA ARG B 146 -3.98 -10.57 18.29
C ARG B 146 -4.21 -11.94 17.64
N TYR B 147 -5.10 -11.95 16.63
CA TYR B 147 -5.42 -13.17 15.89
C TYR B 147 -4.16 -13.80 15.30
N SER B 148 -3.24 -12.97 14.80
CA SER B 148 -2.04 -13.50 14.17
C SER B 148 -1.04 -14.04 15.18
N ARG B 149 -1.17 -13.71 16.46
CA ARG B 149 -0.13 -13.95 17.44
C ARG B 149 -0.47 -15.03 18.46
N ALA B 150 -1.72 -15.12 18.89
CA ALA B 150 -2.08 -16.04 19.96
C ALA B 150 -2.14 -17.48 19.44
N GLN B 151 -1.86 -18.42 20.34
CA GLN B 151 -1.92 -19.83 19.98
C GLN B 151 -3.33 -20.22 19.56
N ALA B 152 -3.41 -21.18 18.63
CA ALA B 152 -4.70 -21.56 18.06
C ALA B 152 -5.66 -22.09 19.12
N ALA B 153 -5.14 -22.65 20.21
CA ALA B 153 -6.01 -23.13 21.28
C ALA B 153 -6.82 -21.99 21.89
N ARG B 154 -6.15 -20.88 22.20
CA ARG B 154 -6.84 -19.73 22.78
C ARG B 154 -7.72 -19.04 21.75
N VAL B 155 -7.23 -18.93 20.51
CA VAL B 155 -8.01 -18.25 19.48
C VAL B 155 -9.28 -19.04 19.17
N MET B 156 -9.17 -20.36 19.04
CA MET B 156 -10.34 -21.19 18.74
C MET B 156 -11.38 -21.10 19.85
N GLY B 157 -10.95 -21.22 21.11
CA GLY B 157 -11.89 -21.31 22.21
C GLY B 157 -12.70 -20.05 22.43
N GLU B 158 -12.16 -18.90 22.02
CA GLU B 158 -12.88 -17.64 22.13
C GLU B 158 -13.59 -17.24 20.84
N LEU B 159 -13.01 -17.59 19.70
CA LEU B 159 -13.56 -17.17 18.42
C LEU B 159 -14.73 -18.04 17.98
N LEU B 160 -14.66 -19.35 18.24
CA LEU B 160 -15.72 -20.26 17.83
C LEU B 160 -17.11 -19.86 18.30
N PRO B 161 -17.33 -19.50 19.58
CA PRO B 161 -18.68 -19.08 19.99
C PRO B 161 -19.15 -17.82 19.29
N ARG B 162 -18.24 -16.90 18.98
CA ARG B 162 -18.62 -15.68 18.28
C ARG B 162 -19.06 -15.97 16.87
N VAL B 163 -18.26 -16.74 16.12
CA VAL B 163 -18.63 -17.06 14.74
C VAL B 163 -19.89 -17.90 14.70
N LYS B 164 -20.02 -18.86 15.63
CA LYS B 164 -21.24 -19.66 15.69
C LYS B 164 -22.46 -18.78 15.90
N ALA B 165 -22.36 -17.78 16.78
CA ALA B 165 -23.50 -16.90 17.01
C ALA B 165 -23.86 -16.11 15.75
N LEU B 166 -22.86 -15.59 15.04
CA LEU B 166 -23.15 -14.90 13.78
C LEU B 166 -23.75 -15.85 12.76
N ALA B 167 -23.22 -17.08 12.68
CA ALA B 167 -23.77 -18.06 11.74
C ALA B 167 -25.20 -18.40 12.08
N LEU B 168 -25.54 -18.48 13.37
CA LEU B 168 -26.92 -18.76 13.74
C LEU B 168 -27.86 -17.63 13.31
N LEU B 169 -27.41 -16.38 13.43
CA LEU B 169 -28.24 -15.27 12.95
C LEU B 169 -28.42 -15.35 11.44
N ALA B 170 -27.35 -15.67 10.72
CA ALA B 170 -27.46 -15.81 9.27
C ALA B 170 -28.40 -16.94 8.91
N LYS B 171 -28.31 -18.07 9.62
CA LYS B 171 -29.26 -19.16 9.40
C LYS B 171 -30.68 -18.68 9.61
N ASN B 172 -30.92 -17.89 10.67
CA ASN B 172 -32.27 -17.44 11.03
C ASN B 172 -32.90 -16.56 9.94
N TYR B 173 -32.08 -15.86 9.15
CA TYR B 173 -32.58 -15.07 8.05
C TYR B 173 -32.38 -15.74 6.70
N ASP B 174 -31.76 -16.91 6.68
CA ASP B 174 -31.39 -17.65 5.47
C ASP B 174 -30.59 -16.79 4.50
N ILE B 175 -29.45 -16.28 4.97
CA ILE B 175 -28.52 -15.53 4.14
C ILE B 175 -27.15 -16.20 4.18
N GLY B 176 -26.31 -15.84 3.21
CA GLY B 176 -24.95 -16.37 3.18
C GLY B 176 -24.05 -15.66 4.17
N LEU B 177 -23.14 -16.42 4.77
CA LEU B 177 -22.11 -15.89 5.68
C LEU B 177 -20.78 -16.48 5.24
N ASN B 178 -19.90 -15.65 4.71
CA ASN B 178 -18.63 -16.10 4.15
C ASN B 178 -17.47 -15.71 5.05
N ILE B 179 -16.55 -16.64 5.29
CA ILE B 179 -15.30 -16.36 5.98
C ILE B 179 -14.23 -16.00 4.95
N ASP B 180 -13.83 -14.73 4.94
CA ASP B 180 -12.76 -14.27 4.06
C ASP B 180 -11.44 -14.95 4.41
N ALA B 181 -10.58 -15.13 3.41
CA ALA B 181 -9.25 -15.69 3.64
C ALA B 181 -8.23 -14.58 3.80
N GLU B 182 -7.38 -14.69 4.81
CA GLU B 182 -6.42 -13.64 5.14
C GLU B 182 -5.00 -14.16 4.93
N GLU B 183 -4.08 -13.95 5.86
CA GLU B 183 -2.70 -14.35 5.62
C GLU B 183 -2.56 -15.87 5.67
N ALA B 184 -1.54 -16.36 5.00
CA ALA B 184 -1.32 -17.80 4.85
C ALA B 184 -1.19 -18.51 6.20
N ASP B 185 -0.60 -17.85 7.21
CA ASP B 185 -0.39 -18.54 8.48
C ASP B 185 -1.68 -18.74 9.27
N ARG B 186 -2.80 -18.19 8.83
CA ARG B 186 -4.06 -18.41 9.52
C ARG B 186 -5.02 -19.34 8.76
N LEU B 187 -4.58 -19.89 7.63
CA LEU B 187 -5.42 -20.83 6.89
C LEU B 187 -5.85 -22.00 7.76
N GLU B 188 -4.90 -22.64 8.45
CA GLU B 188 -5.20 -23.86 9.18
C GLU B 188 -6.26 -23.63 10.25
N LEU B 189 -6.11 -22.56 11.04
CA LEU B 189 -7.08 -22.27 12.08
C LEU B 189 -8.47 -22.05 11.49
N SER B 190 -8.55 -21.24 10.43
CA SER B 190 -9.84 -20.93 9.84
C SER B 190 -10.53 -22.18 9.30
N LEU B 191 -9.75 -23.13 8.78
CA LEU B 191 -10.31 -24.35 8.22
C LEU B 191 -10.81 -25.28 9.32
N ASP B 192 -10.09 -25.35 10.44
CA ASP B 192 -10.56 -26.11 11.59
C ASP B 192 -11.87 -25.52 12.14
N LEU B 193 -11.99 -24.19 12.10
CA LEU B 193 -13.22 -23.54 12.54
C LEU B 193 -14.38 -23.88 11.60
N LEU B 194 -14.13 -23.83 10.29
CA LEU B 194 -15.15 -24.21 9.31
C LEU B 194 -15.66 -25.61 9.57
N GLU B 195 -14.76 -26.54 9.86
CA GLU B 195 -15.18 -27.92 10.11
C GLU B 195 -16.10 -28.00 11.33
N VAL B 196 -15.70 -27.37 12.44
CA VAL B 196 -16.53 -27.43 13.64
C VAL B 196 -17.93 -26.87 13.37
N LEU B 197 -18.02 -25.74 12.65
CA LEU B 197 -19.32 -25.16 12.36
C LEU B 197 -20.15 -26.06 11.46
N CYS B 198 -19.52 -26.65 10.45
CA CYS B 198 -20.26 -27.52 9.53
C CYS B 198 -20.77 -28.78 10.19
N LEU B 199 -20.15 -29.22 11.28
CA LEU B 199 -20.59 -30.40 12.01
C LEU B 199 -21.47 -30.05 13.20
N ASP B 200 -21.77 -28.77 13.40
CA ASP B 200 -22.58 -28.33 14.54
C ASP B 200 -24.05 -28.44 14.19
N GLY B 201 -24.77 -29.33 14.87
CA GLY B 201 -26.17 -29.58 14.57
C GLY B 201 -27.06 -28.36 14.73
N ASP B 202 -26.65 -27.38 15.52
CA ASP B 202 -27.47 -26.18 15.68
C ASP B 202 -27.59 -25.38 14.38
N LEU B 203 -26.70 -25.62 13.43
CA LEU B 203 -26.75 -24.92 12.15
C LEU B 203 -27.38 -25.77 11.06
N SER B 204 -28.05 -26.86 11.41
CA SER B 204 -28.57 -27.79 10.41
C SER B 204 -29.63 -27.11 9.54
N GLY B 205 -29.68 -27.54 8.29
CA GLY B 205 -30.68 -27.06 7.36
C GLY B 205 -30.33 -25.77 6.65
N TRP B 206 -29.18 -25.17 6.95
CA TRP B 206 -28.76 -23.91 6.37
C TRP B 206 -27.49 -24.16 5.57
N ASN B 207 -27.52 -23.76 4.31
CA ASN B 207 -26.37 -23.94 3.42
C ASN B 207 -25.64 -22.63 3.13
N GLY B 208 -25.78 -21.64 4.00
CA GLY B 208 -25.19 -20.35 3.77
C GLY B 208 -23.76 -20.19 4.22
N MET B 209 -23.17 -21.17 4.91
CA MET B 209 -21.79 -21.02 5.33
C MET B 209 -20.88 -21.03 4.12
N GLY B 210 -19.99 -20.04 4.04
CA GLY B 210 -19.07 -19.94 2.94
C GLY B 210 -17.63 -19.76 3.40
N PHE B 211 -16.71 -20.08 2.49
CA PHE B 211 -15.29 -20.09 2.83
C PHE B 211 -14.50 -19.78 1.57
N VAL B 212 -13.47 -18.95 1.71
CA VAL B 212 -12.61 -18.55 0.59
C VAL B 212 -11.38 -19.46 0.56
N VAL B 213 -10.95 -19.84 -0.64
CA VAL B 213 -9.67 -20.51 -0.83
CA VAL B 213 -9.66 -20.50 -0.84
C VAL B 213 -8.85 -19.72 -1.87
N GLN B 214 -7.57 -19.51 -1.57
CA GLN B 214 -6.67 -18.67 -2.35
C GLN B 214 -5.81 -19.52 -3.29
N ALA B 215 -6.04 -19.36 -4.60
CA ALA B 215 -5.33 -20.14 -5.58
C ALA B 215 -3.85 -19.75 -5.71
N TYR B 216 -3.43 -18.60 -5.17
CA TYR B 216 -2.00 -18.33 -5.15
C TYR B 216 -1.27 -19.16 -4.09
N GLY B 217 -2.02 -19.92 -3.30
CA GLY B 217 -1.46 -20.73 -2.23
C GLY B 217 -1.20 -22.17 -2.67
N LYS B 218 -0.09 -22.71 -2.24
CA LYS B 218 0.29 -24.07 -2.62
C LYS B 218 -0.66 -25.13 -2.05
N ARG B 219 -1.34 -24.82 -0.96
CA ARG B 219 -2.25 -25.77 -0.36
C ARG B 219 -3.62 -25.79 -1.02
N CYS B 220 -3.91 -24.86 -1.94
CA CYS B 220 -5.28 -24.66 -2.44
C CYS B 220 -6.00 -25.93 -2.89
N PRO B 221 -5.43 -26.77 -3.77
CA PRO B 221 -6.20 -27.96 -4.20
C PRO B 221 -6.46 -28.95 -3.08
N PHE B 222 -5.55 -29.01 -2.10
CA PHE B 222 -5.69 -29.94 -0.99
C PHE B 222 -6.66 -29.41 0.05
N VAL B 223 -6.70 -28.10 0.24
CA VAL B 223 -7.77 -27.50 1.04
C VAL B 223 -9.12 -27.77 0.41
N LEU B 224 -9.22 -27.61 -0.92
CA LEU B 224 -10.48 -27.91 -1.62
C LEU B 224 -10.89 -29.37 -1.44
N ASP B 225 -9.94 -30.30 -1.55
CA ASP B 225 -10.27 -31.70 -1.30
C ASP B 225 -10.86 -31.88 0.09
N PHE B 226 -10.27 -31.23 1.09
CA PHE B 226 -10.77 -31.32 2.46
C PHE B 226 -12.17 -30.73 2.57
N ILE B 227 -12.41 -29.59 1.93
CA ILE B 227 -13.71 -28.92 2.03
C ILE B 227 -14.81 -29.73 1.34
N ILE B 228 -14.51 -30.27 0.16
CA ILE B 228 -15.50 -31.07 -0.56
C ILE B 228 -15.87 -32.30 0.26
N ASP B 229 -14.87 -32.98 0.83
CA ASP B 229 -15.15 -34.12 1.71
C ASP B 229 -15.94 -33.70 2.95
N LEU B 230 -15.60 -32.53 3.52
CA LEU B 230 -16.35 -32.02 4.66
C LEU B 230 -17.81 -31.79 4.29
N ALA B 231 -18.06 -31.22 3.12
CA ALA B 231 -19.44 -31.05 2.66
C ALA B 231 -20.16 -32.39 2.59
N ARG B 232 -19.48 -33.44 2.10
CA ARG B 232 -20.10 -34.74 1.96
C ARG B 232 -20.43 -35.33 3.32
N ARG B 233 -19.53 -35.21 4.28
CA ARG B 233 -19.82 -35.83 5.57
C ARG B 233 -20.67 -34.99 6.50
N SER B 234 -20.74 -33.68 6.29
CA SER B 234 -21.54 -32.82 7.14
C SER B 234 -22.97 -32.65 6.64
N GLY B 235 -23.21 -32.90 5.35
CA GLY B 235 -24.51 -32.58 4.77
C GLY B 235 -24.72 -31.12 4.41
N ARG B 236 -23.70 -30.26 4.57
CA ARG B 236 -23.82 -28.86 4.22
C ARG B 236 -23.30 -28.67 2.80
N ARG B 237 -24.02 -27.90 1.99
CA ARG B 237 -23.52 -27.49 0.69
C ARG B 237 -22.71 -26.23 0.91
N ILE B 238 -21.41 -26.36 1.00
CA ILE B 238 -20.56 -25.25 1.42
C ILE B 238 -20.36 -24.31 0.26
N MET B 239 -20.55 -23.01 0.50
CA MET B 239 -20.25 -22.02 -0.52
C MET B 239 -18.73 -21.82 -0.54
N VAL B 240 -18.11 -21.99 -1.69
CA VAL B 240 -16.65 -21.90 -1.78
C VAL B 240 -16.30 -20.78 -2.75
N ARG B 241 -15.69 -19.72 -2.23
CA ARG B 241 -15.24 -18.61 -3.07
C ARG B 241 -13.80 -18.88 -3.48
N LEU B 242 -13.60 -19.13 -4.76
CA LEU B 242 -12.26 -19.32 -5.31
C LEU B 242 -11.73 -17.97 -5.76
N VAL B 243 -10.60 -17.57 -5.17
CA VAL B 243 -9.93 -16.30 -5.47
C VAL B 243 -8.48 -16.63 -5.83
N LYS B 244 -7.78 -15.65 -6.42
CA LYS B 244 -6.33 -15.75 -6.55
C LYS B 244 -5.68 -15.41 -5.21
N GLY B 245 -5.83 -14.17 -4.75
CA GLY B 245 -5.47 -13.84 -3.38
C GLY B 245 -5.01 -12.39 -3.32
N ALA B 246 -5.19 -11.77 -2.15
CA ALA B 246 -5.06 -10.33 -2.01
C ALA B 246 -3.82 -9.87 -1.29
N TYR B 247 -3.02 -10.77 -0.73
CA TYR B 247 -1.91 -10.42 0.17
C TYR B 247 -0.55 -10.79 -0.40
N TRP B 248 -0.43 -10.90 -1.74
CA TRP B 248 0.79 -11.47 -2.32
C TRP B 248 2.04 -10.72 -1.88
N ASP B 249 2.03 -9.39 -2.02
CA ASP B 249 3.24 -8.62 -1.69
C ASP B 249 3.65 -8.83 -0.23
N ALA B 250 2.66 -8.84 0.67
CA ALA B 250 2.93 -9.06 2.08
C ALA B 250 3.45 -10.48 2.33
N GLU B 251 2.89 -11.48 1.63
CA GLU B 251 3.35 -12.86 1.85
C GLU B 251 4.80 -13.03 1.43
N ILE B 252 5.19 -12.41 0.31
CA ILE B 252 6.58 -12.49 -0.14
C ILE B 252 7.50 -11.89 0.91
N LYS B 253 7.15 -10.69 1.41
CA LYS B 253 7.99 -10.02 2.40
C LYS B 253 8.09 -10.84 3.68
N ARG B 254 6.97 -11.40 4.13
CA ARG B 254 6.97 -12.19 5.37
C ARG B 254 7.81 -13.44 5.22
N ALA B 255 7.68 -14.15 4.10
CA ALA B 255 8.46 -15.36 3.90
C ALA B 255 9.96 -15.06 3.86
N GLN B 256 10.33 -13.94 3.24
CA GLN B 256 11.73 -13.51 3.25
C GLN B 256 12.21 -13.29 4.67
N LEU B 257 11.41 -12.60 5.49
CA LEU B 257 11.82 -12.34 6.86
C LEU B 257 11.76 -13.58 7.74
N ASP B 258 10.95 -14.59 7.36
CA ASP B 258 10.90 -15.86 8.08
C ASP B 258 12.08 -16.77 7.74
N GLY B 259 12.92 -16.40 6.80
CA GLY B 259 14.05 -17.24 6.41
C GLY B 259 13.68 -18.47 5.62
N LEU B 260 12.55 -18.46 4.93
CA LEU B 260 12.08 -19.65 4.24
C LEU B 260 12.84 -19.87 2.94
N ALA B 261 13.15 -21.13 2.65
CA ALA B 261 13.69 -21.50 1.35
C ALA B 261 12.59 -21.64 0.31
N ASP B 262 11.38 -21.99 0.72
CA ASP B 262 10.24 -22.14 -0.18
C ASP B 262 9.03 -21.49 0.47
N PHE B 263 8.32 -20.64 -0.28
CA PHE B 263 7.28 -19.79 0.25
C PHE B 263 5.94 -20.50 0.21
N PRO B 264 4.94 -20.02 0.96
CA PRO B 264 3.61 -20.65 0.94
C PRO B 264 2.72 -20.19 -0.21
N VAL B 265 3.21 -19.28 -1.06
CA VAL B 265 2.51 -18.82 -2.25
C VAL B 265 3.43 -18.98 -3.44
N PHE B 266 2.83 -19.00 -4.62
CA PHE B 266 3.58 -19.01 -5.86
C PHE B 266 4.24 -17.66 -6.07
N THR B 267 5.32 -17.65 -6.86
CA THR B 267 6.05 -16.43 -7.16
C THR B 267 6.01 -16.04 -8.64
N ARG B 268 5.46 -16.90 -9.50
CA ARG B 268 5.23 -16.57 -10.90
C ARG B 268 3.72 -16.39 -11.09
N LYS B 269 3.31 -15.23 -11.60
CA LYS B 269 1.88 -14.89 -11.63
C LYS B 269 1.08 -15.91 -12.44
N ILE B 270 1.61 -16.36 -13.59
CA ILE B 270 0.83 -17.31 -14.36
C ILE B 270 0.67 -18.64 -13.65
N HIS B 271 1.54 -18.98 -12.70
CA HIS B 271 1.29 -20.19 -11.92
C HIS B 271 0.03 -20.07 -11.08
N THR B 272 -0.24 -18.87 -10.55
CA THR B 272 -1.49 -18.64 -9.85
C THR B 272 -2.68 -18.81 -10.79
N ASP B 273 -2.56 -18.33 -12.03
CA ASP B 273 -3.64 -18.51 -13.01
C ASP B 273 -3.89 -19.99 -13.29
N VAL B 274 -2.83 -20.78 -13.45
CA VAL B 274 -3.00 -22.20 -13.69
C VAL B 274 -3.63 -22.87 -12.48
N SER B 275 -3.15 -22.51 -11.30
CA SER B 275 -3.74 -23.05 -10.07
C SER B 275 -5.24 -22.75 -9.99
N TYR B 276 -5.63 -21.51 -10.31
CA TYR B 276 -7.04 -21.13 -10.27
C TYR B 276 -7.88 -21.99 -11.20
N ILE B 277 -7.42 -22.18 -12.43
CA ILE B 277 -8.20 -22.96 -13.40
C ILE B 277 -8.28 -24.43 -12.99
N ALA B 278 -7.18 -25.00 -12.50
CA ALA B 278 -7.20 -26.38 -12.03
C ALA B 278 -8.18 -26.53 -10.87
N CYS B 279 -8.20 -25.56 -9.96
CA CYS B 279 -9.10 -25.64 -8.83
C CYS B 279 -10.54 -25.42 -9.26
N ALA B 280 -10.76 -24.61 -10.29
CA ALA B 280 -12.11 -24.43 -10.81
C ALA B 280 -12.64 -25.73 -11.40
N ALA B 281 -11.79 -26.50 -12.08
CA ALA B 281 -12.22 -27.79 -12.60
C ALA B 281 -12.64 -28.72 -11.47
N LYS B 282 -11.91 -28.69 -10.36
CA LYS B 282 -12.29 -29.52 -9.22
C LYS B 282 -13.63 -29.09 -8.63
N LEU B 283 -13.84 -27.79 -8.48
CA LEU B 283 -15.10 -27.31 -7.93
C LEU B 283 -16.28 -27.61 -8.85
N LEU B 284 -16.10 -27.43 -10.16
CA LEU B 284 -17.21 -27.65 -11.09
C LEU B 284 -17.65 -29.10 -11.15
N ALA B 285 -16.78 -30.02 -10.75
CA ALA B 285 -17.13 -31.43 -10.68
C ALA B 285 -17.81 -31.81 -9.38
N ALA B 286 -18.00 -30.87 -8.46
CA ALA B 286 -18.54 -31.15 -7.13
C ALA B 286 -19.73 -30.25 -6.78
N THR B 287 -20.45 -29.75 -7.78
CA THR B 287 -21.53 -28.81 -7.49
C THR B 287 -22.70 -29.44 -6.74
N ASP B 288 -22.76 -30.77 -6.62
CA ASP B 288 -23.76 -31.40 -5.75
C ASP B 288 -23.54 -31.05 -4.28
N VAL B 289 -22.31 -30.82 -3.86
CA VAL B 289 -21.99 -30.65 -2.45
C VAL B 289 -21.34 -29.32 -2.11
N VAL B 290 -20.89 -28.55 -3.10
CA VAL B 290 -20.40 -27.18 -2.86
C VAL B 290 -21.03 -26.26 -3.89
N PHE B 291 -21.09 -24.98 -3.54
CA PHE B 291 -21.55 -23.92 -4.45
C PHE B 291 -20.34 -23.08 -4.84
N PRO B 292 -19.76 -23.29 -6.02
CA PRO B 292 -18.56 -22.54 -6.40
C PRO B 292 -18.89 -21.08 -6.70
N GLN B 293 -18.01 -20.20 -6.26
CA GLN B 293 -18.16 -18.77 -6.48
C GLN B 293 -16.83 -18.29 -7.04
N PHE B 294 -16.81 -17.99 -8.35
CA PHE B 294 -15.57 -17.67 -9.07
C PHE B 294 -15.34 -16.16 -9.05
N ALA B 295 -14.53 -15.74 -8.08
CA ALA B 295 -14.21 -14.32 -7.92
C ALA B 295 -13.02 -13.95 -8.79
N THR B 296 -13.23 -13.07 -9.77
CA THR B 296 -12.15 -12.63 -10.66
C THR B 296 -12.63 -11.42 -11.43
N HIS B 297 -11.68 -10.54 -11.78
CA HIS B 297 -11.92 -9.45 -12.72
C HIS B 297 -11.24 -9.70 -14.06
N ASN B 298 -10.65 -10.88 -14.24
CA ASN B 298 -9.86 -11.22 -15.42
C ASN B 298 -10.81 -11.87 -16.42
N ALA B 299 -11.02 -11.20 -17.56
CA ALA B 299 -11.96 -11.69 -18.56
C ALA B 299 -11.53 -13.01 -19.18
N GLN B 300 -10.22 -13.24 -19.27
CA GLN B 300 -9.74 -14.53 -19.78
C GLN B 300 -10.06 -15.65 -18.80
N THR B 301 -9.80 -15.43 -17.51
CA THR B 301 -10.17 -16.41 -16.48
C THR B 301 -11.66 -16.68 -16.51
N LEU B 302 -12.47 -15.61 -16.59
CA LEU B 302 -13.92 -15.74 -16.59
C LEU B 302 -14.38 -16.59 -17.76
N ALA B 303 -13.86 -16.28 -18.96
CA ALA B 303 -14.28 -17.01 -20.15
C ALA B 303 -13.89 -18.47 -20.06
N ALA B 304 -12.70 -18.76 -19.53
CA ALA B 304 -12.25 -20.14 -19.40
C ALA B 304 -13.21 -20.94 -18.55
N ILE B 305 -13.63 -20.37 -17.43
CA ILE B 305 -14.53 -21.09 -16.53
C ILE B 305 -15.93 -21.20 -17.12
N TYR B 306 -16.43 -20.13 -17.73
CA TYR B 306 -17.73 -20.16 -18.38
C TYR B 306 -17.81 -21.33 -19.36
N HIS B 307 -16.77 -21.54 -20.17
CA HIS B 307 -16.78 -22.65 -21.11
C HIS B 307 -16.50 -23.99 -20.44
N MET B 308 -15.63 -24.00 -19.42
CA MET B 308 -15.36 -25.24 -18.70
C MET B 308 -16.63 -25.80 -18.07
N ALA B 309 -17.49 -24.91 -17.58
CA ALA B 309 -18.70 -25.33 -16.88
C ALA B 309 -19.73 -25.99 -17.79
N GLY B 310 -19.61 -25.80 -19.11
CA GLY B 310 -20.53 -26.44 -20.04
C GLY B 310 -21.86 -25.72 -20.16
N LYS B 311 -22.75 -26.34 -20.93
CA LYS B 311 -23.97 -25.67 -21.37
C LYS B 311 -25.10 -25.71 -20.35
N ASP B 312 -25.04 -26.61 -19.37
CA ASP B 312 -26.14 -26.76 -18.41
C ASP B 312 -25.91 -25.81 -17.25
N PHE B 313 -26.89 -24.91 -17.02
CA PHE B 313 -26.78 -23.95 -15.93
C PHE B 313 -28.14 -23.67 -15.32
N HIS B 314 -28.15 -23.49 -14.00
CA HIS B 314 -29.30 -22.97 -13.28
C HIS B 314 -28.77 -22.11 -12.15
N VAL B 315 -29.55 -21.11 -11.73
CA VAL B 315 -29.15 -20.31 -10.58
C VAL B 315 -29.09 -21.21 -9.35
N GLY B 316 -28.00 -21.13 -8.62
CA GLY B 316 -27.65 -22.07 -7.58
C GLY B 316 -26.58 -23.06 -7.97
N LYS B 317 -26.26 -23.19 -9.26
CA LYS B 317 -25.21 -24.13 -9.65
C LYS B 317 -23.83 -23.60 -9.27
N TYR B 318 -23.51 -22.39 -9.75
CA TYR B 318 -22.30 -21.64 -9.40
C TYR B 318 -22.60 -20.18 -9.68
N GLU B 319 -21.69 -19.30 -9.25
CA GLU B 319 -21.80 -17.89 -9.61
C GLU B 319 -20.40 -17.33 -9.79
N PHE B 320 -20.33 -16.13 -10.40
CA PHE B 320 -19.14 -15.30 -10.40
C PHE B 320 -19.24 -14.27 -9.29
N GLN B 321 -18.10 -13.66 -8.95
CA GLN B 321 -18.08 -12.57 -7.97
C GLN B 321 -17.09 -11.50 -8.41
N CYS B 322 -17.32 -10.27 -7.97
CA CYS B 322 -16.40 -9.17 -8.25
C CYS B 322 -16.40 -8.21 -7.06
N LEU B 323 -15.39 -7.33 -7.01
CA LEU B 323 -15.32 -6.29 -5.99
C LEU B 323 -16.05 -5.04 -6.46
N HIS B 324 -16.79 -4.41 -5.55
CA HIS B 324 -17.41 -3.12 -5.81
C HIS B 324 -16.35 -2.14 -6.29
N GLY B 325 -16.69 -1.40 -7.35
CA GLY B 325 -15.78 -0.43 -7.92
C GLY B 325 -14.74 -0.98 -8.87
N MET B 326 -14.71 -2.30 -9.07
CA MET B 326 -13.77 -2.91 -10.01
C MET B 326 -14.44 -3.75 -11.08
N GLY B 327 -15.43 -4.55 -10.71
CA GLY B 327 -15.90 -5.58 -11.62
C GLY B 327 -17.15 -5.27 -12.40
N GLU B 328 -17.85 -4.18 -12.05
CA GLU B 328 -19.14 -3.94 -12.71
C GLU B 328 -19.05 -3.79 -14.22
N PRO B 329 -18.08 -3.06 -14.80
CA PRO B 329 -18.03 -2.98 -16.26
C PRO B 329 -17.92 -4.34 -16.95
N LEU B 330 -17.09 -5.25 -16.43
CA LEU B 330 -16.95 -6.57 -17.03
C LEU B 330 -18.23 -7.37 -16.86
N TYR B 331 -18.78 -7.38 -15.65
CA TYR B 331 -19.93 -8.23 -15.38
C TYR B 331 -21.23 -7.71 -15.97
N GLU B 332 -21.28 -6.44 -16.34
CA GLU B 332 -22.40 -5.97 -17.15
C GLU B 332 -22.44 -6.64 -18.52
N GLU B 333 -21.35 -7.27 -18.94
CA GLU B 333 -21.32 -8.06 -20.17
C GLU B 333 -21.52 -9.55 -19.90
N VAL B 334 -21.88 -9.92 -18.66
CA VAL B 334 -22.00 -11.32 -18.25
C VAL B 334 -23.40 -11.63 -17.73
N VAL B 335 -23.90 -10.80 -16.81
CA VAL B 335 -25.19 -11.05 -16.17
C VAL B 335 -26.29 -10.72 -17.17
N GLY B 336 -27.29 -11.58 -17.25
CA GLY B 336 -28.37 -11.18 -18.13
C GLY B 336 -28.48 -12.06 -19.35
N ARG B 337 -29.73 -12.24 -19.81
CA ARG B 337 -30.03 -13.24 -20.84
C ARG B 337 -29.27 -12.97 -22.13
N GLY B 338 -29.18 -11.69 -22.54
CA GLY B 338 -28.50 -11.37 -23.78
C GLY B 338 -27.01 -11.37 -23.72
N LYS B 339 -26.44 -11.58 -22.53
CA LYS B 339 -25.00 -11.59 -22.34
C LYS B 339 -24.52 -13.04 -22.20
N LEU B 340 -23.99 -13.42 -21.04
CA LEU B 340 -23.65 -14.81 -20.79
C LEU B 340 -24.67 -15.52 -19.92
N ASP B 341 -25.64 -14.79 -19.36
CA ASP B 341 -26.69 -15.38 -18.54
C ASP B 341 -26.12 -16.08 -17.31
N ARG B 342 -25.13 -15.45 -16.67
CA ARG B 342 -24.55 -15.99 -15.45
C ARG B 342 -24.59 -14.93 -14.36
N PRO B 343 -24.85 -15.32 -13.12
CA PRO B 343 -24.97 -14.34 -12.04
C PRO B 343 -23.62 -13.92 -11.49
N CYS B 344 -23.62 -12.74 -10.86
CA CYS B 344 -22.44 -12.18 -10.23
C CYS B 344 -22.81 -11.53 -8.90
N ARG B 345 -22.06 -11.87 -7.86
CA ARG B 345 -22.21 -11.28 -6.54
C ARG B 345 -21.12 -10.24 -6.32
N ILE B 346 -21.52 -9.04 -5.90
CA ILE B 346 -20.61 -7.92 -5.67
C ILE B 346 -20.22 -7.90 -4.20
N TYR B 347 -18.92 -7.94 -3.93
CA TYR B 347 -18.39 -7.76 -2.58
C TYR B 347 -18.39 -6.26 -2.29
N ALA B 348 -19.14 -5.87 -1.26
CA ALA B 348 -19.51 -4.46 -1.02
C ALA B 348 -19.02 -4.00 0.34
N PRO B 349 -17.88 -3.31 0.41
CA PRO B 349 -17.40 -2.83 1.70
C PRO B 349 -18.25 -1.69 2.23
N VAL B 350 -18.38 -1.63 3.56
CA VAL B 350 -19.19 -0.65 4.27
C VAL B 350 -18.34 -0.07 5.39
N GLY B 351 -18.16 1.24 5.41
CA GLY B 351 -17.37 1.84 6.47
C GLY B 351 -16.91 3.24 6.07
N THR B 352 -15.88 3.71 6.79
CA THR B 352 -15.32 5.05 6.61
C THR B 352 -13.79 4.99 6.56
N HIS B 353 -13.16 6.16 6.51
CA HIS B 353 -11.70 6.20 6.49
C HIS B 353 -11.09 5.49 7.70
N GLU B 354 -11.80 5.46 8.83
CA GLU B 354 -11.24 4.87 10.03
C GLU B 354 -11.03 3.36 9.91
N THR B 355 -11.73 2.71 8.99
CA THR B 355 -11.65 1.26 8.84
C THR B 355 -11.26 0.83 7.42
N LEU B 356 -10.89 1.78 6.56
CA LEU B 356 -10.66 1.48 5.14
C LEU B 356 -9.21 1.14 4.80
N LEU B 357 -8.25 1.49 5.66
CA LEU B 357 -6.86 1.58 5.23
C LEU B 357 -6.32 0.26 4.68
N ALA B 358 -6.44 -0.82 5.46
CA ALA B 358 -5.83 -2.08 5.06
C ALA B 358 -6.39 -2.58 3.73
N TYR B 359 -7.73 -2.52 3.57
CA TYR B 359 -8.38 -2.93 2.33
C TYR B 359 -7.93 -2.08 1.15
N LEU B 360 -7.87 -0.76 1.34
CA LEU B 360 -7.48 0.12 0.25
C LEU B 360 -6.05 -0.13 -0.21
N VAL B 361 -5.13 -0.40 0.73
CA VAL B 361 -3.77 -0.74 0.32
C VAL B 361 -3.79 -1.95 -0.61
N ARG B 362 -4.56 -2.98 -0.26
CA ARG B 362 -4.61 -4.16 -1.11
C ARG B 362 -5.20 -3.85 -2.48
N ARG B 363 -6.19 -2.93 -2.55
CA ARG B 363 -6.71 -2.51 -3.85
C ARG B 363 -5.66 -1.77 -4.68
N LEU B 364 -4.85 -0.92 -4.05
CA LEU B 364 -3.83 -0.24 -4.85
C LEU B 364 -2.79 -1.23 -5.36
N LEU B 365 -2.40 -2.19 -4.52
CA LEU B 365 -1.44 -3.19 -4.97
C LEU B 365 -2.00 -4.04 -6.09
N GLU B 366 -3.32 -4.30 -6.04
CA GLU B 366 -3.98 -5.06 -7.09
C GLU B 366 -4.09 -4.23 -8.37
N ASN B 367 -4.56 -2.99 -8.26
CA ASN B 367 -4.79 -2.16 -9.44
C ASN B 367 -3.49 -1.61 -10.01
N GLY B 368 -2.47 -1.41 -9.18
CA GLY B 368 -1.24 -0.79 -9.65
C GLY B 368 -0.19 -1.74 -10.16
N ALA B 369 -0.35 -3.05 -9.94
CA ALA B 369 0.69 -3.99 -10.34
C ALA B 369 0.70 -4.19 -11.85
N ASN B 370 1.90 -4.17 -12.43
CA ASN B 370 2.02 -4.37 -13.87
C ASN B 370 1.51 -5.74 -14.31
N SER B 371 1.48 -6.73 -13.43
CA SER B 371 1.04 -8.07 -13.77
C SER B 371 -0.47 -8.26 -13.73
N SER B 372 -1.23 -7.28 -13.23
CA SER B 372 -2.66 -7.44 -13.04
C SER B 372 -3.42 -7.21 -14.35
N PHE B 373 -4.41 -8.06 -14.60
CA PHE B 373 -5.33 -7.86 -15.74
C PHE B 373 -5.88 -6.44 -15.77
N VAL B 374 -6.34 -5.92 -14.63
CA VAL B 374 -6.97 -4.61 -14.63
C VAL B 374 -6.00 -3.49 -14.97
N HIS B 375 -4.70 -3.72 -14.81
CA HIS B 375 -3.66 -2.79 -15.24
C HIS B 375 -3.32 -3.01 -16.71
N ARG B 376 -3.22 -4.28 -17.11
CA ARG B 376 -2.81 -4.64 -18.46
C ARG B 376 -3.84 -4.22 -19.49
N ILE B 377 -5.13 -4.25 -19.13
CA ILE B 377 -6.15 -3.82 -20.09
C ILE B 377 -6.00 -2.35 -20.48
N ASN B 378 -5.38 -1.53 -19.64
CA ASN B 378 -5.12 -0.12 -19.96
C ASN B 378 -3.69 0.14 -20.41
N ASP B 379 -2.91 -0.91 -20.65
CA ASP B 379 -1.50 -0.80 -20.99
C ASP B 379 -1.37 -0.85 -22.50
N PRO B 380 -0.91 0.21 -23.16
CA PRO B 380 -0.84 0.18 -24.63
C PRO B 380 0.13 -0.84 -25.19
N LYS B 381 1.06 -1.33 -24.37
CA LYS B 381 2.01 -2.34 -24.83
C LYS B 381 1.45 -3.76 -24.83
N VAL B 382 0.23 -3.96 -24.34
CA VAL B 382 -0.36 -5.29 -24.19
C VAL B 382 -1.46 -5.45 -25.24
N SER B 383 -1.26 -6.37 -26.17
CA SER B 383 -2.21 -6.63 -27.24
C SER B 383 -3.42 -7.38 -26.72
N ILE B 384 -4.52 -7.31 -27.46
CA ILE B 384 -5.69 -8.12 -27.12
C ILE B 384 -5.35 -9.60 -27.22
N ASP B 385 -4.50 -9.98 -28.18
CA ASP B 385 -4.05 -11.36 -28.30
C ASP B 385 -3.45 -11.84 -27.00
N GLU B 386 -2.62 -11.00 -26.37
CA GLU B 386 -1.97 -11.37 -25.12
C GLU B 386 -2.98 -11.44 -23.98
N LEU B 387 -3.95 -10.53 -23.95
CA LEU B 387 -4.98 -10.55 -22.91
C LEU B 387 -5.84 -11.80 -22.98
N ILE B 388 -6.09 -12.34 -24.18
CA ILE B 388 -6.93 -13.52 -24.30
C ILE B 388 -6.16 -14.84 -24.32
N ALA B 389 -4.83 -14.80 -24.32
CA ALA B 389 -4.05 -16.03 -24.34
C ALA B 389 -4.32 -16.86 -23.09
N ASP B 390 -4.41 -18.18 -23.28
CA ASP B 390 -4.56 -19.09 -22.15
C ASP B 390 -3.21 -19.25 -21.46
N PRO B 391 -3.07 -18.86 -20.20
CA PRO B 391 -1.77 -19.02 -19.53
C PRO B 391 -1.34 -20.46 -19.36
N VAL B 392 -2.29 -21.42 -19.36
CA VAL B 392 -1.93 -22.83 -19.20
C VAL B 392 -1.05 -23.29 -20.36
N GLU B 393 -1.26 -22.73 -21.55
CA GLU B 393 -0.43 -23.08 -22.69
C GLU B 393 0.99 -22.52 -22.59
N VAL B 394 1.20 -21.47 -21.78
CA VAL B 394 2.55 -20.96 -21.58
C VAL B 394 3.40 -21.96 -20.80
N VAL B 395 2.77 -22.78 -19.97
CA VAL B 395 3.52 -23.75 -19.17
C VAL B 395 3.08 -25.18 -19.48
#